data_8P71
#
_entry.id   8P71
#
_cell.length_a   1.00
_cell.length_b   1.00
_cell.length_c   1.00
_cell.angle_alpha   90.00
_cell.angle_beta   90.00
_cell.angle_gamma   90.00
#
_symmetry.space_group_name_H-M   'P 1'
#
loop_
_entity.id
_entity.type
_entity.pdbx_description
1 polymer 'CDK-activating kinase assembly factor MAT1'
2 polymer Cyclin-H
3 polymer 'Cyclin-dependent kinase 7'
4 non-polymer (3R,4S)-4-[[7-[(phenylmethyl)amino]-3-propan-2-yl-pyrazolo[1,5-a]pyrimidin-5-yl]amino]pyrrolidin-3-ol
5 water water
#
loop_
_entity_poly.entity_id
_entity_poly.type
_entity_poly.pdbx_seq_one_letter_code
_entity_poly.pdbx_strand_id
1 'polypeptide(L)'
;SNAPVTFSTGIKMGQHISLAPIHKLEEALYEYQPLQIETYGPHVPELEMLGRLGYLNHVRAASPQDLAGGYTSSLACHRA
LQDAFSGLFWQPS
;
H
2 'polypeptide(L)'
;(ACE)MYHNSSQKRHWTFSSEEQLARLRADANRKFRCKAVANGKVLPNDPVFLEPHEEMTLCKYYEKRLLEFCSVFKPAM
PRSVVGTACMYFKRFYLNNSVMEYHPRIIMLTCAFLACKVDEFNVSSPQFVGNLRESPLGQEKALEQILEYELLLIQQLN
FHLIVHNPYRPFEGFLIDLKTRYPILENPEILRKTADDFLNRIALTDAYLLYTPSQIALTAILSSASRAGITMESYLSES
LMLKENRTCLSQLLDIMKSMRNLVKKYEPPRSEEVAVLKQKLERCHSAELALNVITKKRKGYEDDDYVSKKSKHEEEEWT
DDDLVESL
;
I
3 'polypeptide(L)'
;SNAMALDVKSRAKRYEKLDFLGEGQFATVYKARDKNTNQIVAIKKIKLGHRSEAKDGINRTALREIKLLQELSHPNIIGL
LDAFGHKSNISLVFDFMETDLEVIIKDNSLVLTPSHIKAYMLMTLQGLEYLHQHWILHRDLKPNNLLLDENGVLKLADFG
LAKSFGSPNRAYTHQVVTRWYRAPELLFGARMYGVGVDMWAVGCILAELLLRVPFLPGDSDLDQLTRIFETLGTPTEEQW
PDMCSLPDYVTFKSFPGIPLHHIFSAAGDDLLDLIQGLFLFNPCARITATQALKMKYFSNRPGPTPGCQLPRPNCPVETL
KEQSNPALAIKRKRTEALEQGGLPKKLIF
;
J
#
loop_
_chem_comp.id
_chem_comp.type
_chem_comp.name
_chem_comp.formula
ACE non-polymer 'ACETYL GROUP' 'C2 H4 O'
X4F non-polymer (3R,4S)-4-[[7-[(phenylmethyl)amino]-3-propan-2-yl-pyrazolo[1,5-a]pyrimidin-5-yl]amino]pyrrolidin-3-ol 'C20 H26 N6 O'
#
# COMPACT_ATOMS: atom_id res chain seq x y z
N ALA A 28 1.99 -35.30 6.56
CA ALA A 28 2.53 -34.09 7.18
C ALA A 28 3.21 -33.21 6.15
N LEU A 29 3.29 -33.70 4.91
CA LEU A 29 3.93 -32.95 3.84
C LEU A 29 3.10 -31.74 3.46
N TYR A 30 3.78 -30.76 2.88
CA TYR A 30 3.16 -29.50 2.47
C TYR A 30 2.79 -29.57 0.99
N GLU A 31 1.54 -29.23 0.68
CA GLU A 31 1.08 -29.11 -0.69
C GLU A 31 0.69 -27.67 -0.94
N TYR A 32 1.19 -27.10 -2.03
CA TYR A 32 0.87 -25.72 -2.35
C TYR A 32 -0.62 -25.58 -2.66
N GLN A 33 -1.27 -24.64 -1.99
CA GLN A 33 -2.65 -24.27 -2.28
C GLN A 33 -2.67 -22.79 -2.60
N PRO A 34 -3.19 -22.37 -3.76
CA PRO A 34 -3.16 -20.95 -4.11
C PRO A 34 -4.00 -20.12 -3.13
N LEU A 35 -3.59 -18.88 -2.93
CA LEU A 35 -4.31 -17.99 -2.04
C LEU A 35 -5.62 -17.56 -2.70
N GLN A 36 -6.74 -17.95 -2.09
CA GLN A 36 -8.07 -17.67 -2.63
C GLN A 36 -8.62 -16.46 -1.89
N ILE A 37 -8.49 -15.29 -2.50
CA ILE A 37 -9.07 -14.06 -2.00
C ILE A 37 -10.04 -13.53 -3.04
N GLU A 38 -11.30 -13.37 -2.64
CA GLU A 38 -12.32 -12.88 -3.56
C GLU A 38 -12.02 -11.44 -3.97
N THR A 39 -12.10 -11.17 -5.27
CA THR A 39 -11.88 -9.83 -5.79
C THR A 39 -13.16 -9.13 -6.18
N TYR A 40 -14.30 -9.83 -6.19
CA TYR A 40 -15.60 -9.25 -6.51
C TYR A 40 -15.59 -8.54 -7.85
N GLY A 41 -14.94 -9.15 -8.83
CA GLY A 41 -14.83 -8.56 -10.14
C GLY A 41 -14.45 -9.56 -11.21
N PRO A 42 -14.27 -9.08 -12.44
CA PRO A 42 -13.91 -9.97 -13.55
C PRO A 42 -12.56 -10.63 -13.32
N HIS A 43 -12.37 -11.76 -14.00
CA HIS A 43 -11.13 -12.51 -13.87
C HIS A 43 -9.99 -11.74 -14.54
N VAL A 44 -8.87 -11.61 -13.82
CA VAL A 44 -7.68 -10.95 -14.36
C VAL A 44 -6.77 -12.02 -14.95
N PRO A 45 -6.29 -11.84 -16.18
CA PRO A 45 -5.39 -12.84 -16.77
C PRO A 45 -4.09 -12.95 -15.98
N GLU A 46 -3.53 -14.17 -16.00
CA GLU A 46 -2.35 -14.46 -15.20
C GLU A 46 -1.16 -13.62 -15.65
N LEU A 47 -0.21 -13.45 -14.73
CA LEU A 47 0.91 -12.55 -14.98
C LEU A 47 1.73 -13.00 -16.18
N GLU A 48 1.99 -14.30 -16.30
CA GLU A 48 2.83 -14.84 -17.37
C GLU A 48 2.08 -14.99 -18.70
N MET A 49 0.79 -14.67 -18.73
CA MET A 49 0.00 -14.77 -19.96
C MET A 49 -0.26 -13.43 -20.61
N LEU A 50 0.00 -12.31 -19.91
CA LEU A 50 -0.36 -11.00 -20.43
C LEU A 50 0.28 -10.74 -21.79
N GLY A 51 1.58 -10.96 -21.90
CA GLY A 51 2.25 -10.78 -23.18
C GLY A 51 1.67 -11.67 -24.26
N ARG A 52 1.26 -12.89 -23.90
CA ARG A 52 0.63 -13.78 -24.86
C ARG A 52 -0.72 -13.23 -25.33
N LEU A 53 -1.45 -12.54 -24.45
CA LEU A 53 -2.80 -12.10 -24.75
C LEU A 53 -2.87 -10.71 -25.36
N GLY A 54 -1.73 -10.05 -25.57
CA GLY A 54 -1.70 -8.75 -26.21
C GLY A 54 -1.80 -7.56 -25.28
N TYR A 55 -1.88 -7.78 -23.97
CA TYR A 55 -1.98 -6.65 -23.04
C TYR A 55 -0.73 -5.79 -23.08
N LEU A 56 0.44 -6.42 -23.11
CA LEU A 56 1.71 -5.70 -22.95
C LEU A 56 2.01 -4.74 -24.10
N ASN A 57 1.30 -4.84 -25.23
CA ASN A 57 1.48 -3.88 -26.29
C ASN A 57 0.77 -2.56 -26.02
N HIS A 58 0.05 -2.44 -24.90
CA HIS A 58 -0.63 -1.20 -24.54
C HIS A 58 -0.08 -0.58 -23.26
N VAL A 59 1.03 -1.08 -22.74
CA VAL A 59 1.70 -0.50 -21.59
C VAL A 59 3.09 -0.05 -22.00
N ARG A 60 3.68 0.82 -21.20
CA ARG A 60 5.00 1.35 -21.48
C ARG A 60 6.05 0.25 -21.33
N ALA A 61 6.98 0.20 -22.29
CA ALA A 61 8.04 -0.81 -22.25
C ALA A 61 9.04 -0.49 -21.15
N ALA A 62 9.40 -1.51 -20.38
CA ALA A 62 10.37 -1.35 -19.30
C ALA A 62 11.76 -1.07 -19.87
N SER A 63 12.52 -0.26 -19.15
CA SER A 63 13.87 0.11 -19.56
C SER A 63 14.87 -0.98 -19.18
N PRO A 64 16.02 -1.02 -19.85
CA PRO A 64 17.06 -1.99 -19.43
C PRO A 64 17.49 -1.81 -17.99
N GLN A 65 17.56 -0.57 -17.50
CA GLN A 65 17.85 -0.34 -16.08
C GLN A 65 16.80 -0.99 -15.21
N ASP A 66 15.52 -0.76 -15.52
CA ASP A 66 14.44 -1.35 -14.74
C ASP A 66 14.40 -2.86 -14.88
N LEU A 67 14.70 -3.37 -16.07
CA LEU A 67 14.74 -4.82 -16.28
C LEU A 67 15.84 -5.46 -15.44
N ALA A 68 17.02 -4.83 -15.39
CA ALA A 68 18.13 -5.40 -14.63
C ALA A 68 17.80 -5.52 -13.14
N GLY A 69 16.98 -4.61 -12.62
CA GLY A 69 16.58 -4.68 -11.23
C GLY A 69 15.41 -5.59 -10.95
N GLY A 70 14.88 -6.27 -11.96
CA GLY A 70 13.74 -7.14 -11.78
C GLY A 70 12.39 -6.51 -12.00
N TYR A 71 12.32 -5.34 -12.61
CA TYR A 71 11.07 -4.67 -12.90
C TYR A 71 10.70 -4.88 -14.36
N THR A 72 9.46 -5.29 -14.61
CA THR A 72 8.95 -5.50 -15.96
C THR A 72 7.64 -4.75 -16.12
N SER A 73 7.32 -4.43 -17.38
CA SER A 73 6.02 -3.82 -17.68
C SER A 73 4.87 -4.75 -17.32
N SER A 74 5.12 -6.05 -17.25
CA SER A 74 4.08 -7.00 -16.87
C SER A 74 3.55 -6.71 -15.48
N LEU A 75 4.43 -6.30 -14.55
CA LEU A 75 3.99 -5.98 -13.21
C LEU A 75 3.02 -4.81 -13.21
N ALA A 76 3.36 -3.74 -13.92
CA ALA A 76 2.48 -2.57 -13.98
C ALA A 76 1.15 -2.91 -14.64
N CYS A 77 1.20 -3.65 -15.75
CA CYS A 77 -0.04 -4.02 -16.44
C CYS A 77 -0.92 -4.88 -15.55
N HIS A 78 -0.33 -5.87 -14.87
CA HIS A 78 -1.09 -6.74 -13.99
C HIS A 78 -1.71 -5.97 -12.84
N ARG A 79 -0.95 -5.04 -12.25
CA ARG A 79 -1.49 -4.24 -11.15
C ARG A 79 -2.66 -3.38 -11.63
N ALA A 80 -2.51 -2.76 -12.80
CA ALA A 80 -3.58 -1.92 -13.34
C ALA A 80 -4.83 -2.73 -13.63
N LEU A 81 -4.68 -3.92 -14.22
CA LEU A 81 -5.84 -4.75 -14.49
C LEU A 81 -6.51 -5.23 -13.21
N GLN A 82 -5.73 -5.62 -12.21
CA GLN A 82 -6.31 -6.06 -10.95
C GLN A 82 -7.08 -4.93 -10.28
N ASP A 83 -6.54 -3.71 -10.30
CA ASP A 83 -7.26 -2.59 -9.71
C ASP A 83 -8.48 -2.20 -10.52
N ALA A 84 -8.43 -2.36 -11.84
CA ALA A 84 -9.61 -2.12 -12.67
C ALA A 84 -10.72 -3.09 -12.34
N PHE A 85 -10.38 -4.35 -12.10
CA PHE A 85 -11.39 -5.37 -11.88
C PHE A 85 -11.74 -5.56 -10.41
N SER A 86 -10.98 -4.97 -9.49
CA SER A 86 -11.22 -5.22 -8.06
C SER A 86 -12.56 -4.61 -7.64
N GLY A 87 -13.42 -5.45 -7.08
CA GLY A 87 -14.68 -4.99 -6.51
C GLY A 87 -15.66 -4.36 -7.47
N LEU A 88 -15.55 -4.66 -8.78
CA LEU A 88 -16.48 -4.09 -9.74
C LEU A 88 -17.91 -4.58 -9.50
N PHE A 89 -18.06 -5.82 -9.06
CA PHE A 89 -19.37 -6.42 -8.82
C PHE A 89 -19.87 -6.23 -7.40
N TRP A 90 -19.10 -5.56 -6.55
CA TRP A 90 -19.41 -5.48 -5.13
C TRP A 90 -20.37 -4.33 -4.84
N GLN A 91 -21.25 -4.54 -3.87
CA GLN A 91 -22.22 -3.54 -3.45
C GLN A 91 -22.16 -3.39 -1.94
N PRO A 92 -22.09 -2.15 -1.42
CA PRO A 92 -22.11 -1.90 0.03
C PRO A 92 -23.52 -1.94 0.60
C ACE B 1 -4.05 -3.22 -1.75
O ACE B 1 -3.86 -2.48 -2.71
CH3 ACE B 1 -3.13 -3.22 -0.56
N MET B 2 -5.06 -4.07 -1.67
CA MET B 2 -6.04 -4.20 -2.74
C MET B 2 -7.42 -3.75 -2.23
N TYR B 3 -8.22 -3.17 -3.12
CA TYR B 3 -9.50 -2.61 -2.69
C TYR B 3 -10.42 -3.68 -2.14
N HIS B 4 -10.41 -4.87 -2.73
CA HIS B 4 -11.39 -5.89 -2.40
C HIS B 4 -11.25 -6.42 -0.98
N ASN B 5 -10.16 -6.11 -0.29
CA ASN B 5 -10.05 -6.38 1.14
C ASN B 5 -9.49 -5.18 1.88
N SER B 6 -9.81 -3.98 1.40
CA SER B 6 -9.27 -2.75 1.95
C SER B 6 -10.13 -2.23 3.10
N SER B 7 -9.59 -1.24 3.81
CA SER B 7 -10.38 -0.54 4.83
C SER B 7 -11.39 0.41 4.18
N GLN B 8 -11.08 0.94 3.00
CA GLN B 8 -12.04 1.80 2.32
C GLN B 8 -13.32 1.05 1.97
N LYS B 9 -13.20 -0.16 1.45
CA LYS B 9 -14.37 -0.96 1.14
C LYS B 9 -15.09 -1.39 2.42
N ARG B 10 -14.33 -1.77 3.44
CA ARG B 10 -14.91 -2.37 4.64
C ARG B 10 -15.64 -1.34 5.50
N HIS B 11 -15.04 -0.16 5.69
CA HIS B 11 -15.53 0.80 6.67
C HIS B 11 -15.97 2.13 6.09
N TRP B 12 -15.57 2.47 4.86
CA TRP B 12 -15.84 3.80 4.34
C TRP B 12 -16.56 3.77 3.00
N THR B 13 -17.26 2.69 2.70
CA THR B 13 -18.19 2.63 1.57
C THR B 13 -19.57 2.36 2.16
N PHE B 14 -20.47 3.33 2.07
CA PHE B 14 -21.74 3.30 2.78
C PHE B 14 -22.88 2.93 1.83
N SER B 15 -23.96 2.43 2.43
CA SER B 15 -25.05 1.84 1.65
C SER B 15 -25.84 2.88 0.86
N SER B 16 -26.09 4.04 1.46
CA SER B 16 -26.96 5.02 0.82
C SER B 16 -26.60 6.43 1.26
N GLU B 17 -27.04 7.40 0.47
CA GLU B 17 -26.86 8.81 0.83
C GLU B 17 -27.61 9.15 2.11
N GLU B 18 -28.69 8.43 2.41
CA GLU B 18 -29.42 8.65 3.65
C GLU B 18 -28.54 8.36 4.85
N GLN B 19 -27.71 7.32 4.78
CA GLN B 19 -26.79 7.03 5.89
C GLN B 19 -25.75 8.15 6.04
N LEU B 20 -25.26 8.69 4.93
CA LEU B 20 -24.32 9.81 5.01
C LEU B 20 -24.96 11.02 5.65
N ALA B 21 -26.20 11.34 5.25
CA ALA B 21 -26.90 12.45 5.86
C ALA B 21 -27.14 12.20 7.34
N ARG B 22 -27.42 10.95 7.71
CA ARG B 22 -27.57 10.61 9.11
C ARG B 22 -26.28 10.86 9.89
N LEU B 23 -25.15 10.47 9.32
CA LEU B 23 -23.87 10.70 9.99
C LEU B 23 -23.61 12.18 10.19
N ARG B 24 -23.82 12.98 9.13
CA ARG B 24 -23.57 14.41 9.23
C ARG B 24 -24.52 15.09 10.21
N ALA B 25 -25.80 14.71 10.19
CA ALA B 25 -26.77 15.28 11.12
C ALA B 25 -26.43 14.89 12.56
N ASP B 26 -25.97 13.66 12.77
CA ASP B 26 -25.56 13.24 14.10
C ASP B 26 -24.37 14.06 14.58
N ALA B 27 -23.41 14.34 13.69
CA ALA B 27 -22.28 15.18 14.07
C ALA B 27 -22.74 16.58 14.46
N ASN B 28 -23.62 17.16 13.66
CA ASN B 28 -24.15 18.50 13.95
C ASN B 28 -24.87 18.51 15.29
N ARG B 29 -25.74 17.52 15.52
CA ARG B 29 -26.49 17.44 16.77
C ARG B 29 -25.57 17.25 17.97
N LYS B 30 -24.54 16.43 17.83
CA LYS B 30 -23.61 16.20 18.93
C LYS B 30 -22.83 17.46 19.27
N PHE B 31 -22.38 18.20 18.25
CA PHE B 31 -21.70 19.46 18.53
C PHE B 31 -22.64 20.45 19.22
N ARG B 32 -23.89 20.53 18.75
CA ARG B 32 -24.85 21.42 19.39
C ARG B 32 -25.06 21.04 20.85
N CYS B 33 -25.19 19.74 21.12
CA CYS B 33 -25.39 19.28 22.49
C CYS B 33 -24.19 19.62 23.38
N LYS B 34 -22.98 19.40 22.87
CA LYS B 34 -21.80 19.73 23.67
C LYS B 34 -21.72 21.23 23.94
N ALA B 35 -22.00 22.05 22.92
CA ALA B 35 -21.96 23.49 23.11
C ALA B 35 -23.01 23.95 24.11
N VAL B 36 -24.20 23.36 24.06
CA VAL B 36 -25.25 23.72 25.02
C VAL B 36 -24.85 23.32 26.43
N ALA B 37 -24.32 22.10 26.60
CA ALA B 37 -23.90 21.66 27.92
C ALA B 37 -22.75 22.50 28.46
N ASN B 38 -21.86 22.98 27.59
CA ASN B 38 -20.73 23.78 28.05
C ASN B 38 -21.19 25.08 28.69
N GLY B 39 -22.16 25.77 28.08
CA GLY B 39 -22.67 27.01 28.61
C GLY B 39 -23.03 28.02 27.54
N ASP B 45 -29.93 29.14 19.53
CA ASP B 45 -29.28 30.33 19.01
C ASP B 45 -29.15 30.27 17.50
N PRO B 46 -29.27 31.42 16.83
CA PRO B 46 -29.05 31.47 15.37
C PRO B 46 -27.61 31.29 14.96
N VAL B 47 -26.68 31.18 15.91
CA VAL B 47 -25.27 31.02 15.57
C VAL B 47 -25.01 29.65 14.95
N PHE B 48 -25.70 28.62 15.42
CA PHE B 48 -25.46 27.25 14.97
C PHE B 48 -25.79 27.10 13.49
N LEU B 49 -25.00 26.29 12.79
CA LEU B 49 -25.25 25.98 11.39
C LEU B 49 -26.12 24.74 11.27
N GLU B 50 -26.89 24.69 10.20
CA GLU B 50 -27.69 23.52 9.86
C GLU B 50 -26.88 22.54 9.03
N PRO B 51 -27.27 21.27 9.03
CA PRO B 51 -26.49 20.27 8.27
C PRO B 51 -26.34 20.60 6.80
N HIS B 52 -27.36 21.17 6.15
CA HIS B 52 -27.21 21.54 4.75
C HIS B 52 -26.22 22.69 4.59
N GLU B 53 -26.19 23.62 5.55
CA GLU B 53 -25.18 24.67 5.53
C GLU B 53 -23.78 24.09 5.75
N GLU B 54 -23.67 23.11 6.64
CA GLU B 54 -22.39 22.42 6.81
C GLU B 54 -21.95 21.74 5.52
N MET B 55 -22.90 21.13 4.80
CA MET B 55 -22.58 20.51 3.52
C MET B 55 -22.10 21.54 2.50
N THR B 56 -22.76 22.70 2.46
CA THR B 56 -22.33 23.75 1.55
C THR B 56 -20.91 24.20 1.87
N LEU B 57 -20.61 24.40 3.15
CA LEU B 57 -19.27 24.80 3.55
C LEU B 57 -18.25 23.71 3.23
N CYS B 58 -18.63 22.45 3.44
CA CYS B 58 -17.72 21.34 3.14
C CYS B 58 -17.43 21.25 1.65
N LYS B 59 -18.44 21.49 0.81
CA LYS B 59 -18.20 21.53 -0.64
C LYS B 59 -17.25 22.66 -1.00
N TYR B 60 -17.48 23.85 -0.43
CA TYR B 60 -16.60 24.98 -0.73
C TYR B 60 -15.17 24.70 -0.31
N TYR B 61 -14.98 24.13 0.88
CA TYR B 61 -13.63 23.88 1.36
C TYR B 61 -12.98 22.67 0.69
N GLU B 62 -13.77 21.70 0.22
CA GLU B 62 -13.19 20.67 -0.63
C GLU B 62 -12.69 21.26 -1.94
N LYS B 63 -13.43 22.19 -2.51
CA LYS B 63 -12.93 22.88 -3.70
C LYS B 63 -11.66 23.68 -3.37
N ARG B 64 -11.62 24.28 -2.18
CA ARG B 64 -10.40 24.97 -1.75
C ARG B 64 -9.23 24.01 -1.64
N LEU B 65 -9.47 22.80 -1.12
CA LEU B 65 -8.43 21.79 -1.05
C LEU B 65 -7.96 21.37 -2.43
N LEU B 66 -8.90 21.24 -3.37
CA LEU B 66 -8.53 20.95 -4.76
C LEU B 66 -7.61 22.03 -5.30
N GLU B 67 -7.96 23.30 -5.07
CA GLU B 67 -7.15 24.39 -5.59
C GLU B 67 -5.78 24.43 -4.93
N PHE B 68 -5.72 24.15 -3.63
CA PHE B 68 -4.43 24.11 -2.93
C PHE B 68 -3.55 23.01 -3.51
N CYS B 69 -4.11 21.81 -3.70
CA CYS B 69 -3.33 20.70 -4.23
C CYS B 69 -2.94 20.91 -5.69
N SER B 70 -3.74 21.70 -6.43
CA SER B 70 -3.43 21.91 -7.84
C SER B 70 -2.21 22.81 -8.02
N VAL B 71 -2.13 23.89 -7.25
CA VAL B 71 -1.00 24.83 -7.38
C VAL B 71 0.18 24.44 -6.51
N PHE B 72 0.10 23.31 -5.81
CA PHE B 72 1.21 22.88 -4.96
C PHE B 72 2.47 22.66 -5.78
N LYS B 73 3.60 23.10 -5.23
CA LYS B 73 4.90 22.91 -5.84
C LYS B 73 5.84 22.29 -4.81
N PRO B 74 6.52 21.18 -5.13
CA PRO B 74 6.59 20.48 -6.43
C PRO B 74 5.27 19.81 -6.80
N ALA B 75 5.08 19.51 -8.08
CA ALA B 75 3.81 19.01 -8.60
C ALA B 75 3.32 17.82 -7.80
N MET B 76 2.12 17.94 -7.25
CA MET B 76 1.55 16.91 -6.38
C MET B 76 0.89 15.83 -7.22
N PRO B 77 1.22 14.56 -7.00
CA PRO B 77 0.57 13.48 -7.77
C PRO B 77 -0.93 13.43 -7.49
N ARG B 78 -1.68 13.03 -8.51
CA ARG B 78 -3.14 12.99 -8.40
C ARG B 78 -3.60 12.00 -7.34
N SER B 79 -2.80 10.97 -7.07
CA SER B 79 -3.12 10.03 -6.00
C SER B 79 -3.13 10.73 -4.64
N VAL B 80 -2.16 11.62 -4.42
CA VAL B 80 -2.12 12.37 -3.16
C VAL B 80 -3.34 13.28 -3.03
N VAL B 81 -3.71 13.95 -4.12
CA VAL B 81 -4.87 14.82 -4.11
C VAL B 81 -6.13 14.02 -3.79
N GLY B 82 -6.30 12.87 -4.44
CA GLY B 82 -7.46 12.04 -4.18
C GLY B 82 -7.50 11.55 -2.74
N THR B 83 -6.34 11.14 -2.21
CA THR B 83 -6.28 10.71 -0.82
C THR B 83 -6.68 11.84 0.12
N ALA B 84 -6.17 13.05 -0.13
CA ALA B 84 -6.49 14.19 0.73
C ALA B 84 -7.98 14.54 0.68
N CYS B 85 -8.55 14.56 -0.53
CA CYS B 85 -9.97 14.86 -0.65
C CYS B 85 -10.83 13.81 0.04
N MET B 86 -10.45 12.55 -0.10
CA MET B 86 -11.17 11.49 0.60
C MET B 86 -11.04 11.66 2.11
N TYR B 87 -9.85 12.07 2.58
CA TYR B 87 -9.66 12.37 3.99
C TYR B 87 -10.61 13.46 4.46
N PHE B 88 -10.74 14.52 3.66
CA PHE B 88 -11.64 15.63 4.00
C PHE B 88 -13.08 15.13 4.11
N LYS B 89 -13.53 14.38 3.11
CA LYS B 89 -14.88 13.83 3.13
C LYS B 89 -15.12 12.97 4.37
N ARG B 90 -14.17 12.06 4.65
CA ARG B 90 -14.34 11.16 5.79
C ARG B 90 -14.34 11.92 7.10
N PHE B 91 -13.47 12.92 7.23
CA PHE B 91 -13.40 13.68 8.47
C PHE B 91 -14.72 14.38 8.73
N TYR B 92 -15.27 15.04 7.72
CA TYR B 92 -16.50 15.80 7.93
C TYR B 92 -17.75 14.95 7.75
N LEU B 93 -17.61 13.65 7.52
CA LEU B 93 -18.73 12.75 7.71
C LEU B 93 -19.14 12.68 9.18
N ASN B 94 -18.16 12.71 10.09
CA ASN B 94 -18.40 12.50 11.51
C ASN B 94 -17.97 13.68 12.37
N ASN B 95 -17.68 14.84 11.78
CA ASN B 95 -17.26 16.00 12.54
C ASN B 95 -17.93 17.25 11.97
N SER B 96 -18.22 18.20 12.85
CA SER B 96 -18.85 19.45 12.46
C SER B 96 -17.79 20.48 12.11
N VAL B 97 -18.07 21.30 11.10
CA VAL B 97 -17.15 22.37 10.73
C VAL B 97 -17.09 23.44 11.81
N MET B 98 -18.08 23.48 12.72
CA MET B 98 -18.06 24.44 13.81
C MET B 98 -17.21 24.01 14.99
N GLU B 99 -16.77 22.74 15.03
CA GLU B 99 -15.81 22.29 16.03
C GLU B 99 -14.38 22.36 15.52
N TYR B 100 -14.14 21.94 14.28
CA TYR B 100 -12.82 22.02 13.66
C TYR B 100 -12.97 22.78 12.35
N HIS B 101 -12.18 23.82 12.18
CA HIS B 101 -12.34 24.68 11.01
C HIS B 101 -11.92 23.93 9.76
N PRO B 102 -12.75 23.94 8.71
CA PRO B 102 -12.37 23.22 7.47
C PRO B 102 -11.11 23.73 6.81
N ARG B 103 -10.78 25.02 6.99
CA ARG B 103 -9.58 25.56 6.38
C ARG B 103 -8.33 24.88 6.92
N ILE B 104 -8.26 24.70 8.25
CA ILE B 104 -7.13 24.00 8.84
C ILE B 104 -7.18 22.52 8.52
N ILE B 105 -8.38 21.94 8.54
CA ILE B 105 -8.52 20.49 8.36
C ILE B 105 -8.12 20.08 6.95
N MET B 106 -8.45 20.90 5.95
CA MET B 106 -8.07 20.54 4.58
C MET B 106 -6.55 20.57 4.38
N LEU B 107 -5.88 21.56 4.98
CA LEU B 107 -4.42 21.59 4.93
C LEU B 107 -3.81 20.40 5.66
N THR B 108 -4.40 20.02 6.80
CA THR B 108 -3.92 18.84 7.51
C THR B 108 -4.15 17.58 6.69
N CYS B 109 -5.27 17.53 5.95
CA CYS B 109 -5.53 16.40 5.07
C CYS B 109 -4.47 16.32 3.97
N ALA B 110 -4.13 17.46 3.36
CA ALA B 110 -3.08 17.47 2.34
C ALA B 110 -1.74 17.02 2.93
N PHE B 111 -1.40 17.52 4.13
CA PHE B 111 -0.16 17.16 4.79
C PHE B 111 -0.08 15.66 5.05
N LEU B 112 -1.12 15.11 5.68
CA LEU B 112 -1.16 13.69 5.99
C LEU B 112 -1.14 12.86 4.71
N ALA B 113 -1.85 13.30 3.68
CA ALA B 113 -1.87 12.55 2.41
C ALA B 113 -0.49 12.53 1.77
N CYS B 114 0.21 13.67 1.78
CA CYS B 114 1.57 13.68 1.25
C CYS B 114 2.46 12.71 2.01
N LYS B 115 2.30 12.66 3.34
CA LYS B 115 3.06 11.68 4.11
C LYS B 115 2.69 10.24 3.73
N VAL B 116 1.38 9.97 3.61
CA VAL B 116 0.92 8.59 3.47
C VAL B 116 1.26 8.02 2.10
N ASP B 117 1.07 8.80 1.05
CA ASP B 117 1.38 8.35 -0.30
C ASP B 117 2.85 8.51 -0.67
N GLU B 118 3.72 8.65 0.34
CA GLU B 118 5.17 8.68 0.15
C GLU B 118 5.60 9.78 -0.81
N PHE B 119 4.88 10.90 -0.82
CA PHE B 119 5.27 12.08 -1.57
C PHE B 119 6.11 12.95 -0.64
N ASN B 120 7.39 12.59 -0.54
CA ASN B 120 8.29 13.18 0.46
C ASN B 120 8.45 14.67 0.28
N VAL B 121 7.89 15.45 1.21
CA VAL B 121 7.96 16.90 1.20
C VAL B 121 8.20 17.36 2.63
N SER B 122 9.12 18.30 2.81
CA SER B 122 9.40 18.81 4.14
C SER B 122 8.32 19.82 4.56
N SER B 123 8.19 20.00 5.87
CA SER B 123 7.19 20.92 6.39
C SER B 123 7.38 22.36 5.90
N PRO B 124 8.59 22.94 5.93
CA PRO B 124 8.72 24.33 5.43
C PRO B 124 8.29 24.51 3.99
N GLN B 125 8.66 23.58 3.10
CA GLN B 125 8.22 23.71 1.72
C GLN B 125 6.76 23.32 1.53
N PHE B 126 6.19 22.56 2.47
CA PHE B 126 4.75 22.34 2.44
C PHE B 126 4.00 23.62 2.74
N VAL B 127 4.38 24.32 3.81
CA VAL B 127 3.67 25.54 4.19
C VAL B 127 4.08 26.74 3.35
N GLY B 128 5.18 26.66 2.60
CA GLY B 128 5.52 27.74 1.69
C GLY B 128 4.57 27.90 0.52
N ASN B 129 3.75 26.87 0.25
CA ASN B 129 2.78 26.96 -0.83
C ASN B 129 1.61 27.88 -0.49
N LEU B 130 1.38 28.13 0.80
CA LEU B 130 0.27 28.99 1.20
C LEU B 130 0.54 30.43 0.83
N ARG B 131 -0.52 31.15 0.43
CA ARG B 131 -0.44 32.59 0.17
C ARG B 131 -0.59 33.33 1.49
N GLU B 132 0.42 33.16 2.34
CA GLU B 132 0.42 33.73 3.68
C GLU B 132 1.80 34.29 3.98
N SER B 133 1.84 35.20 4.95
CA SER B 133 3.10 35.72 5.45
C SER B 133 3.86 34.61 6.18
N PRO B 134 5.19 34.73 6.29
CA PRO B 134 5.96 33.67 6.97
C PRO B 134 5.50 33.42 8.40
N LEU B 135 5.11 34.46 9.14
CA LEU B 135 4.52 34.25 10.45
C LEU B 135 3.20 33.49 10.34
N GLY B 136 2.37 33.85 9.37
CA GLY B 136 1.15 33.11 9.14
C GLY B 136 1.40 31.68 8.71
N GLN B 137 2.42 31.47 7.88
CA GLN B 137 2.77 30.11 7.47
C GLN B 137 3.22 29.28 8.66
N GLU B 138 4.00 29.88 9.57
CA GLU B 138 4.45 29.15 10.75
C GLU B 138 3.28 28.84 11.70
N LYS B 139 2.36 29.79 11.85
CA LYS B 139 1.16 29.52 12.64
C LYS B 139 0.34 28.40 12.02
N ALA B 140 0.18 28.42 10.70
CA ALA B 140 -0.57 27.36 10.02
C ALA B 140 0.12 26.01 10.17
N LEU B 141 1.46 26.01 10.12
CA LEU B 141 2.20 24.77 10.34
C LEU B 141 1.98 24.24 11.75
N GLU B 142 1.97 25.14 12.74
CA GLU B 142 1.69 24.70 14.12
C GLU B 142 0.28 24.12 14.24
N GLN B 143 -0.70 24.77 13.60
CA GLN B 143 -2.06 24.23 13.61
C GLN B 143 -2.13 22.87 12.93
N ILE B 144 -1.41 22.70 11.82
CA ILE B 144 -1.41 21.42 11.11
C ILE B 144 -0.79 20.32 11.97
N LEU B 145 0.32 20.64 12.65
CA LEU B 145 0.92 19.64 13.52
C LEU B 145 0.02 19.30 14.69
N GLU B 146 -0.73 20.28 15.18
CA GLU B 146 -1.68 20.00 16.27
C GLU B 146 -2.82 19.11 15.80
N TYR B 147 -3.31 19.33 14.58
CA TYR B 147 -4.47 18.62 14.08
C TYR B 147 -4.13 17.35 13.32
N GLU B 148 -2.86 17.05 13.09
CA GLU B 148 -2.50 15.85 12.33
C GLU B 148 -2.96 14.58 13.04
N LEU B 149 -2.64 14.47 14.33
CA LEU B 149 -3.09 13.30 15.09
C LEU B 149 -4.61 13.25 15.19
N LEU B 150 -5.25 14.41 15.34
CA LEU B 150 -6.71 14.45 15.39
C LEU B 150 -7.31 13.91 14.10
N LEU B 151 -6.79 14.35 12.96
CA LEU B 151 -7.27 13.85 11.68
C LEU B 151 -7.05 12.36 11.54
N ILE B 152 -5.86 11.88 11.93
CA ILE B 152 -5.57 10.45 11.85
C ILE B 152 -6.55 9.67 12.72
N GLN B 153 -6.84 10.17 13.92
CA GLN B 153 -7.78 9.51 14.81
C GLN B 153 -9.19 9.48 14.22
N GLN B 154 -9.60 10.59 13.59
CA GLN B 154 -10.95 10.67 13.03
C GLN B 154 -11.08 9.84 11.75
N LEU B 155 -9.96 9.49 11.11
CA LEU B 155 -9.99 8.55 10.00
C LEU B 155 -9.93 7.10 10.46
N ASN B 156 -9.91 6.87 11.78
CA ASN B 156 -9.81 5.54 12.36
C ASN B 156 -8.55 4.82 11.91
N PHE B 157 -7.49 5.58 11.66
CA PHE B 157 -6.19 5.05 11.26
C PHE B 157 -6.28 4.25 9.95
N HIS B 158 -7.22 4.62 9.09
CA HIS B 158 -7.35 4.04 7.75
C HIS B 158 -6.80 5.07 6.78
N LEU B 159 -5.52 4.93 6.43
CA LEU B 159 -4.84 5.95 5.66
C LEU B 159 -4.74 5.64 4.17
N ILE B 160 -4.76 4.37 3.78
CA ILE B 160 -4.65 4.01 2.37
C ILE B 160 -5.99 4.26 1.70
N VAL B 161 -5.99 5.10 0.67
CA VAL B 161 -7.20 5.46 -0.06
C VAL B 161 -7.05 4.95 -1.49
N HIS B 162 -8.02 4.14 -1.93
CA HIS B 162 -8.04 3.62 -3.29
C HIS B 162 -8.78 4.59 -4.18
N ASN B 163 -8.05 5.28 -5.04
CA ASN B 163 -8.62 6.21 -5.99
C ASN B 163 -9.07 5.48 -7.25
N PRO B 164 -9.92 6.11 -8.06
CA PRO B 164 -10.34 5.47 -9.32
C PRO B 164 -9.35 5.61 -10.46
N TYR B 165 -8.19 6.25 -10.25
CA TYR B 165 -7.30 6.56 -11.37
C TYR B 165 -6.61 5.29 -11.91
N ARG B 166 -6.04 4.48 -11.03
CA ARG B 166 -5.42 3.24 -11.49
C ARG B 166 -6.45 2.26 -12.05
N PRO B 167 -7.62 2.07 -11.42
CA PRO B 167 -8.66 1.27 -12.09
C PRO B 167 -9.04 1.83 -13.45
N PHE B 168 -9.07 3.15 -13.60
CA PHE B 168 -9.33 3.75 -14.90
C PHE B 168 -8.27 3.35 -15.92
N GLU B 169 -7.00 3.40 -15.53
CA GLU B 169 -5.92 3.00 -16.44
C GLU B 169 -6.03 1.52 -16.80
N GLY B 170 -6.36 0.68 -15.81
CA GLY B 170 -6.52 -0.74 -16.09
C GLY B 170 -7.68 -1.02 -17.03
N PHE B 171 -8.78 -0.29 -16.86
CA PHE B 171 -9.91 -0.43 -17.78
C PHE B 171 -9.52 0.01 -19.18
N LEU B 172 -8.74 1.06 -19.30
CA LEU B 172 -8.27 1.48 -20.63
C LEU B 172 -7.39 0.42 -21.26
N ILE B 173 -6.52 -0.21 -20.47
CA ILE B 173 -5.70 -1.31 -20.99
C ILE B 173 -6.58 -2.45 -21.47
N ASP B 174 -7.59 -2.82 -20.66
CA ASP B 174 -8.47 -3.92 -21.02
C ASP B 174 -9.27 -3.61 -22.28
N LEU B 175 -9.72 -2.36 -22.41
CA LEU B 175 -10.44 -1.97 -23.62
C LEU B 175 -9.54 -2.02 -24.85
N LYS B 176 -8.31 -1.54 -24.72
CA LYS B 176 -7.37 -1.60 -25.84
C LYS B 176 -7.06 -3.03 -26.22
N THR B 177 -7.07 -3.95 -25.26
CA THR B 177 -6.69 -5.33 -25.53
C THR B 177 -7.84 -6.18 -26.07
N ARG B 178 -9.02 -6.06 -25.46
CA ARG B 178 -10.08 -7.07 -25.61
C ARG B 178 -11.37 -6.54 -26.24
N TYR B 179 -11.47 -5.25 -26.54
CA TYR B 179 -12.68 -4.67 -27.12
C TYR B 179 -12.30 -3.95 -28.41
N PRO B 180 -12.06 -4.69 -29.49
CA PRO B 180 -11.71 -4.04 -30.76
C PRO B 180 -12.82 -3.19 -31.35
N ILE B 181 -14.07 -3.37 -30.90
CA ILE B 181 -15.16 -2.56 -31.40
C ILE B 181 -14.91 -1.08 -31.12
N LEU B 182 -14.48 -0.77 -29.89
CA LEU B 182 -13.98 0.56 -29.56
C LEU B 182 -12.52 0.59 -29.99
N GLU B 183 -12.29 1.03 -31.23
CA GLU B 183 -10.97 0.89 -31.84
C GLU B 183 -9.91 1.71 -31.11
N ASN B 184 -10.25 2.93 -30.71
CA ASN B 184 -9.32 3.81 -30.00
C ASN B 184 -9.97 4.26 -28.69
N PRO B 185 -9.73 3.53 -27.59
CA PRO B 185 -10.24 3.99 -26.29
C PRO B 185 -9.58 5.26 -25.79
N GLU B 186 -8.43 5.65 -26.35
CA GLU B 186 -7.69 6.78 -25.82
C GLU B 186 -8.49 8.07 -25.89
N ILE B 187 -9.21 8.30 -27.00
CA ILE B 187 -9.99 9.51 -27.13
C ILE B 187 -11.17 9.57 -26.15
N LEU B 188 -11.42 8.48 -25.44
CA LEU B 188 -12.42 8.47 -24.38
C LEU B 188 -11.87 8.98 -23.05
N ARG B 189 -10.58 9.30 -22.98
CA ARG B 189 -9.96 9.61 -21.70
C ARG B 189 -10.38 10.98 -21.18
N LYS B 190 -10.17 12.03 -21.97
CA LYS B 190 -10.35 13.39 -21.49
C LYS B 190 -11.76 13.63 -20.98
N THR B 191 -12.76 13.09 -21.67
CA THR B 191 -14.13 13.22 -21.19
C THR B 191 -14.36 12.35 -19.95
N ALA B 192 -13.87 11.10 -20.00
CA ALA B 192 -14.05 10.21 -18.85
C ALA B 192 -13.34 10.75 -17.63
N ASP B 193 -12.22 11.47 -17.82
CA ASP B 193 -11.59 12.16 -16.71
C ASP B 193 -12.50 13.25 -16.17
N ASP B 194 -13.09 14.06 -17.06
CA ASP B 194 -13.90 15.19 -16.62
C ASP B 194 -15.07 14.70 -15.77
N PHE B 195 -15.84 13.73 -16.29
CA PHE B 195 -16.90 13.12 -15.49
C PHE B 195 -16.36 12.61 -14.18
N LEU B 196 -15.19 11.96 -14.22
CA LEU B 196 -14.55 11.47 -13.01
C LEU B 196 -14.44 12.57 -11.96
N ASN B 197 -13.94 13.74 -12.38
CA ASN B 197 -13.78 14.84 -11.44
C ASN B 197 -15.13 15.26 -10.86
N ARG B 198 -16.16 15.31 -11.71
CA ARG B 198 -17.49 15.63 -11.20
C ARG B 198 -17.95 14.59 -10.18
N ILE B 199 -17.66 13.31 -10.45
CA ILE B 199 -17.99 12.25 -9.50
C ILE B 199 -17.30 12.51 -8.17
N ALA B 200 -16.11 13.12 -8.22
CA ALA B 200 -15.38 13.40 -6.98
C ALA B 200 -16.11 14.43 -6.13
N LEU B 201 -16.84 15.37 -6.75
CA LEU B 201 -17.50 16.41 -5.99
C LEU B 201 -18.71 15.89 -5.23
N THR B 202 -19.33 14.82 -5.69
CA THR B 202 -20.50 14.25 -5.05
C THR B 202 -20.06 13.36 -3.89
N ASP B 203 -21.01 12.59 -3.36
CA ASP B 203 -20.73 11.63 -2.29
C ASP B 203 -20.39 10.24 -2.81
N ALA B 204 -20.17 10.11 -4.13
CA ALA B 204 -20.02 8.78 -4.73
C ALA B 204 -18.80 8.04 -4.19
N TYR B 205 -17.72 8.75 -3.89
CA TYR B 205 -16.52 8.09 -3.37
C TYR B 205 -16.77 7.37 -2.05
N LEU B 206 -17.78 7.77 -1.30
CA LEU B 206 -18.18 7.08 -0.09
C LEU B 206 -19.25 6.03 -0.33
N LEU B 207 -19.75 5.90 -1.56
CA LEU B 207 -20.87 5.01 -1.85
C LEU B 207 -20.57 3.92 -2.87
N TYR B 208 -19.49 4.05 -3.65
CA TYR B 208 -19.21 3.11 -4.73
C TYR B 208 -17.73 2.75 -4.72
N THR B 209 -17.42 1.61 -5.34
CA THR B 209 -16.04 1.18 -5.45
C THR B 209 -15.29 2.02 -6.49
N PRO B 210 -13.97 2.15 -6.35
CA PRO B 210 -13.20 2.87 -7.37
C PRO B 210 -13.32 2.27 -8.75
N SER B 211 -13.42 0.94 -8.85
CA SER B 211 -13.61 0.31 -10.15
C SER B 211 -14.95 0.70 -10.75
N GLN B 212 -16.01 0.69 -9.92
CA GLN B 212 -17.33 1.11 -10.40
C GLN B 212 -17.30 2.57 -10.86
N ILE B 213 -16.62 3.43 -10.09
CA ILE B 213 -16.54 4.84 -10.46
C ILE B 213 -15.82 5.02 -11.78
N ALA B 214 -14.69 4.33 -11.95
CA ALA B 214 -13.92 4.43 -13.18
C ALA B 214 -14.72 3.91 -14.38
N LEU B 215 -15.40 2.78 -14.21
CA LEU B 215 -16.18 2.21 -15.31
C LEU B 215 -17.36 3.11 -15.66
N THR B 216 -18.02 3.69 -14.65
CA THR B 216 -19.11 4.61 -14.91
C THR B 216 -18.62 5.83 -15.67
N ALA B 217 -17.46 6.38 -15.30
CA ALA B 217 -16.91 7.50 -16.03
C ALA B 217 -16.60 7.12 -17.48
N ILE B 218 -16.01 5.94 -17.68
CA ILE B 218 -15.65 5.51 -19.03
C ILE B 218 -16.90 5.34 -19.88
N LEU B 219 -17.94 4.72 -19.33
CA LEU B 219 -19.14 4.49 -20.12
C LEU B 219 -19.96 5.76 -20.32
N SER B 220 -19.89 6.70 -19.36
CA SER B 220 -20.49 8.01 -19.60
C SER B 220 -19.78 8.73 -20.73
N SER B 221 -18.46 8.63 -20.79
CA SER B 221 -17.72 9.18 -21.92
C SER B 221 -18.13 8.50 -23.22
N ALA B 222 -18.30 7.18 -23.19
CA ALA B 222 -18.71 6.45 -24.39
C ALA B 222 -20.10 6.89 -24.86
N SER B 223 -21.05 7.01 -23.93
CA SER B 223 -22.39 7.47 -24.29
C SER B 223 -22.36 8.89 -24.82
N ARG B 224 -21.54 9.75 -24.22
CA ARG B 224 -21.36 11.09 -24.76
C ARG B 224 -20.68 11.08 -26.12
N ALA B 225 -20.02 9.98 -26.47
CA ALA B 225 -19.41 9.81 -27.78
C ALA B 225 -20.31 9.09 -28.77
N GLY B 226 -21.52 8.71 -28.36
CA GLY B 226 -22.40 7.96 -29.22
C GLY B 226 -22.02 6.52 -29.42
N ILE B 227 -21.25 5.95 -28.51
CA ILE B 227 -20.78 4.57 -28.60
C ILE B 227 -21.49 3.75 -27.53
N THR B 228 -22.19 2.70 -27.97
CA THR B 228 -22.85 1.78 -27.06
C THR B 228 -21.96 0.54 -26.92
N MET B 229 -21.35 0.39 -25.76
CA MET B 229 -20.46 -0.73 -25.48
C MET B 229 -20.96 -1.57 -24.31
N GLU B 230 -22.27 -1.84 -24.30
CA GLU B 230 -22.82 -2.81 -23.37
C GLU B 230 -22.28 -4.21 -23.63
N SER B 231 -21.83 -4.48 -24.85
CA SER B 231 -21.20 -5.76 -25.15
C SER B 231 -19.94 -5.96 -24.33
N TYR B 232 -19.22 -4.88 -24.01
CA TYR B 232 -18.05 -4.99 -23.15
C TYR B 232 -18.43 -5.57 -21.79
N LEU B 233 -19.53 -5.09 -21.21
CA LEU B 233 -20.02 -5.66 -19.96
C LEU B 233 -20.46 -7.10 -20.15
N SER B 234 -21.31 -7.34 -21.15
CA SER B 234 -21.92 -8.66 -21.30
C SER B 234 -20.91 -9.69 -21.79
N GLU B 235 -20.11 -9.33 -22.81
CA GLU B 235 -19.21 -10.30 -23.43
C GLU B 235 -17.81 -10.29 -22.83
N SER B 236 -17.13 -9.14 -22.90
CA SER B 236 -15.73 -9.09 -22.46
C SER B 236 -15.59 -9.32 -20.97
N LEU B 237 -16.47 -8.73 -20.17
CA LEU B 237 -16.45 -8.95 -18.73
C LEU B 237 -17.31 -10.13 -18.30
N MET B 238 -17.84 -10.89 -19.27
CA MET B 238 -18.47 -12.19 -19.01
C MET B 238 -19.72 -12.07 -18.15
N LEU B 239 -20.39 -10.91 -18.21
CA LEU B 239 -21.59 -10.70 -17.42
C LEU B 239 -22.84 -11.30 -18.06
N LYS B 240 -22.74 -11.78 -19.30
CA LYS B 240 -23.87 -12.48 -19.91
C LYS B 240 -24.22 -13.76 -19.16
N GLU B 241 -23.27 -14.32 -18.42
CA GLU B 241 -23.57 -15.48 -17.57
C GLU B 241 -24.44 -15.06 -16.39
N ASN B 242 -24.07 -13.98 -15.70
CA ASN B 242 -24.78 -13.51 -14.52
C ASN B 242 -25.61 -12.29 -14.94
N ARG B 243 -26.85 -12.53 -15.35
CA ARG B 243 -27.73 -11.44 -15.74
C ARG B 243 -27.99 -10.49 -14.58
N THR B 244 -28.19 -11.05 -13.38
CA THR B 244 -28.44 -10.21 -12.21
C THR B 244 -27.25 -9.31 -11.92
N CYS B 245 -26.02 -9.84 -12.06
CA CYS B 245 -24.84 -9.02 -11.85
C CYS B 245 -24.76 -7.88 -12.86
N LEU B 246 -25.09 -8.16 -14.12
CA LEU B 246 -25.09 -7.11 -15.14
C LEU B 246 -26.12 -6.03 -14.82
N SER B 247 -27.32 -6.44 -14.41
CA SER B 247 -28.34 -5.47 -14.05
C SER B 247 -27.92 -4.64 -12.84
N GLN B 248 -27.31 -5.29 -11.84
CA GLN B 248 -26.85 -4.59 -10.66
C GLN B 248 -25.77 -3.56 -11.02
N LEU B 249 -24.83 -3.94 -11.89
CA LEU B 249 -23.80 -3.00 -12.31
C LEU B 249 -24.39 -1.84 -13.09
N LEU B 250 -25.35 -2.12 -13.99
CA LEU B 250 -25.96 -1.06 -14.77
C LEU B 250 -26.73 -0.09 -13.87
N ASP B 251 -27.40 -0.62 -12.84
CA ASP B 251 -28.11 0.27 -11.92
C ASP B 251 -27.15 1.05 -11.04
N ILE B 252 -25.99 0.48 -10.70
CA ILE B 252 -24.96 1.24 -10.00
C ILE B 252 -24.52 2.43 -10.84
N MET B 253 -24.25 2.18 -12.13
CA MET B 253 -23.84 3.27 -13.01
C MET B 253 -24.93 4.32 -13.16
N LYS B 254 -26.19 3.88 -13.27
CA LYS B 254 -27.30 4.82 -13.39
C LYS B 254 -27.43 5.67 -12.12
N SER B 255 -27.28 5.04 -10.95
CA SER B 255 -27.33 5.78 -9.71
C SER B 255 -26.19 6.79 -9.61
N MET B 256 -25.00 6.42 -10.07
CA MET B 256 -23.88 7.36 -10.08
C MET B 256 -24.17 8.55 -10.97
N ARG B 257 -24.73 8.29 -12.16
CA ARG B 257 -25.09 9.38 -13.06
C ARG B 257 -26.17 10.27 -12.45
N ASN B 258 -27.11 9.66 -11.71
CA ASN B 258 -28.13 10.45 -11.02
C ASN B 258 -27.51 11.33 -9.94
N LEU B 259 -26.55 10.79 -9.19
CA LEU B 259 -25.85 11.60 -8.19
C LEU B 259 -25.13 12.76 -8.83
N VAL B 260 -24.48 12.52 -9.97
CA VAL B 260 -23.73 13.58 -10.64
C VAL B 260 -24.68 14.65 -11.19
N LYS B 261 -25.82 14.23 -11.75
CA LYS B 261 -26.71 15.18 -12.40
C LYS B 261 -27.41 16.08 -11.39
N LYS B 262 -27.69 15.58 -10.18
CA LYS B 262 -28.39 16.35 -9.16
C LYS B 262 -27.45 17.08 -8.21
N TYR B 263 -26.15 17.00 -8.41
CA TYR B 263 -25.21 17.71 -7.55
C TYR B 263 -25.36 19.22 -7.74
N GLU B 264 -25.35 19.95 -6.63
CA GLU B 264 -25.48 21.40 -6.66
C GLU B 264 -24.20 22.04 -6.15
N PRO B 265 -23.47 22.80 -6.99
CA PRO B 265 -22.30 23.52 -6.47
C PRO B 265 -22.72 24.58 -5.48
N PRO B 266 -21.91 24.85 -4.47
CA PRO B 266 -22.29 25.85 -3.46
C PRO B 266 -22.34 27.25 -4.05
N ARG B 267 -23.38 27.99 -3.69
CA ARG B 267 -23.58 29.34 -4.20
C ARG B 267 -22.72 30.34 -3.45
N SER B 268 -22.16 31.31 -4.18
CA SER B 268 -21.18 32.22 -3.60
C SER B 268 -21.78 33.07 -2.48
N GLU B 269 -23.00 33.58 -2.68
CA GLU B 269 -23.64 34.38 -1.63
C GLU B 269 -23.90 33.54 -0.39
N GLU B 270 -24.45 32.34 -0.57
CA GLU B 270 -24.65 31.44 0.55
C GLU B 270 -23.32 31.05 1.18
N VAL B 271 -22.30 30.86 0.36
CA VAL B 271 -20.98 30.52 0.90
C VAL B 271 -20.45 31.65 1.78
N ALA B 272 -20.58 32.89 1.33
CA ALA B 272 -20.11 34.02 2.14
C ALA B 272 -20.89 34.15 3.44
N VAL B 273 -22.22 33.99 3.37
CA VAL B 273 -23.03 34.10 4.59
C VAL B 273 -22.66 33.00 5.58
N LEU B 274 -22.56 31.76 5.10
CA LEU B 274 -22.19 30.65 5.99
C LEU B 274 -20.75 30.79 6.47
N LYS B 275 -19.88 31.43 5.69
CA LYS B 275 -18.51 31.65 6.14
C LYS B 275 -18.46 32.64 7.28
N GLN B 276 -19.18 33.76 7.16
CA GLN B 276 -19.29 34.68 8.28
C GLN B 276 -19.88 33.98 9.50
N LYS B 277 -20.90 33.14 9.28
CA LYS B 277 -21.49 32.39 10.38
C LYS B 277 -20.47 31.45 11.04
N LEU B 278 -19.64 30.80 10.23
CA LEU B 278 -18.66 29.85 10.77
C LEU B 278 -17.57 30.57 11.56
N GLU B 279 -17.08 31.70 11.04
CA GLU B 279 -16.14 32.50 11.82
C GLU B 279 -16.76 32.99 13.12
N ARG B 280 -18.04 33.35 13.08
CA ARG B 280 -18.73 33.71 14.31
C ARG B 280 -18.76 32.53 15.29
N CYS B 281 -19.04 31.33 14.79
CA CYS B 281 -19.08 30.15 15.66
C CYS B 281 -17.72 29.90 16.29
N HIS B 282 -16.65 30.06 15.53
CA HIS B 282 -15.32 29.79 16.06
C HIS B 282 -14.83 30.90 16.99
N SER B 283 -15.24 32.15 16.76
CA SER B 283 -14.85 33.23 17.65
C SER B 283 -15.62 33.17 18.96
N ALA B 284 -16.92 32.87 18.91
CA ALA B 284 -17.73 32.84 20.12
C ALA B 284 -17.30 31.69 21.03
N GLU B 285 -16.99 30.54 20.47
CA GLU B 285 -16.63 29.36 21.26
C GLU B 285 -15.40 29.58 22.12
N LYS C 13 -3.80 4.91 28.03
CA LYS C 13 -5.02 4.33 27.50
C LYS C 13 -5.41 3.07 28.29
N ARG C 14 -5.71 2.00 27.57
CA ARG C 14 -6.11 0.73 28.16
C ARG C 14 -4.94 -0.21 28.38
N TYR C 15 -3.71 0.25 28.14
CA TYR C 15 -2.52 -0.59 28.20
C TYR C 15 -1.66 -0.22 29.40
N GLU C 16 -1.33 -1.20 30.21
CA GLU C 16 -0.39 -1.04 31.32
C GLU C 16 0.97 -1.60 30.92
N LYS C 17 2.03 -0.83 31.14
CA LYS C 17 3.36 -1.21 30.69
C LYS C 17 4.00 -2.16 31.70
N LEU C 18 4.40 -3.34 31.24
CA LEU C 18 5.00 -4.35 32.09
C LEU C 18 6.52 -4.35 32.02
N ASP C 19 7.09 -4.40 30.83
CA ASP C 19 8.53 -4.57 30.67
C ASP C 19 9.05 -3.67 29.56
N PHE C 20 10.32 -3.29 29.66
CA PHE C 20 11.01 -2.57 28.60
C PHE C 20 11.70 -3.60 27.70
N LEU C 21 11.30 -3.62 26.42
CA LEU C 21 11.70 -4.71 25.53
C LEU C 21 12.93 -4.37 24.70
N GLY C 22 13.21 -3.10 24.47
CA GLY C 22 14.36 -2.71 23.68
C GLY C 22 14.21 -1.31 23.13
N GLU C 23 15.32 -0.79 22.63
CA GLU C 23 15.36 0.56 22.09
C GLU C 23 16.29 0.62 20.89
N GLY C 24 15.79 1.11 19.77
CA GLY C 24 16.60 1.34 18.60
C GLY C 24 16.65 2.81 18.23
N GLN C 25 17.14 3.13 17.04
CA GLN C 25 17.18 4.52 16.62
C GLN C 25 15.78 5.05 16.32
N PHE C 26 14.86 4.18 15.91
CA PHE C 26 13.51 4.64 15.58
C PHE C 26 12.73 4.99 16.82
N ALA C 27 12.51 4.03 17.70
CA ALA C 27 11.66 4.21 18.87
C ALA C 27 12.01 3.14 19.90
N THR C 28 11.18 3.03 20.94
CA THR C 28 11.39 2.08 22.02
C THR C 28 10.18 1.16 22.11
N VAL C 29 10.42 -0.10 22.48
CA VAL C 29 9.40 -1.13 22.50
C VAL C 29 9.20 -1.61 23.93
N TYR C 30 7.94 -1.76 24.34
CA TYR C 30 7.60 -2.21 25.68
C TYR C 30 6.57 -3.33 25.60
N LYS C 31 6.74 -4.32 26.46
CA LYS C 31 5.74 -5.37 26.66
C LYS C 31 4.68 -4.83 27.62
N ALA C 32 3.46 -4.62 27.10
CA ALA C 32 2.38 -4.02 27.87
C ALA C 32 1.16 -4.91 27.81
N ARG C 33 0.28 -4.75 28.81
CA ARG C 33 -0.99 -5.47 28.84
C ARG C 33 -2.15 -4.53 28.56
N ILE C 40 -1.45 -9.99 25.94
CA ILE C 40 -0.21 -9.24 25.99
C ILE C 40 0.10 -8.65 24.63
N VAL C 41 0.49 -7.38 24.60
CA VAL C 41 0.81 -6.67 23.37
C VAL C 41 2.19 -6.03 23.51
N ALA C 42 2.74 -5.61 22.38
CA ALA C 42 4.00 -4.89 22.32
C ALA C 42 3.73 -3.50 21.76
N ILE C 43 4.16 -2.46 22.46
CA ILE C 43 3.92 -1.09 22.07
C ILE C 43 5.25 -0.47 21.67
N LYS C 44 5.31 0.03 20.44
CA LYS C 44 6.48 0.74 19.92
C LYS C 44 6.20 2.23 19.97
N LYS C 45 6.98 2.95 20.77
CA LYS C 45 6.78 4.38 20.96
C LYS C 45 6.97 5.15 19.65
N LYS C 55 9.23 19.69 13.88
CA LYS C 55 8.40 20.38 12.90
C LYS C 55 7.97 19.46 11.76
N ASP C 56 8.54 18.25 11.72
CA ASP C 56 8.14 17.29 10.71
C ASP C 56 6.76 16.74 10.99
N GLY C 57 6.40 16.58 12.26
CA GLY C 57 5.13 16.00 12.62
C GLY C 57 5.24 14.54 13.00
N ILE C 58 4.17 13.77 12.79
CA ILE C 58 4.19 12.36 13.12
C ILE C 58 5.24 11.65 12.27
N ASN C 59 6.00 10.76 12.89
CA ASN C 59 7.11 10.10 12.23
C ASN C 59 6.64 9.32 11.01
N ARG C 60 7.35 9.49 9.89
CA ARG C 60 6.96 8.85 8.63
C ARG C 60 7.06 7.32 8.71
N THR C 61 8.02 6.80 9.45
CA THR C 61 8.15 5.34 9.58
C THR C 61 6.93 4.75 10.28
N ALA C 62 6.48 5.39 11.36
CA ALA C 62 5.27 4.93 12.04
C ALA C 62 4.05 5.01 11.14
N LEU C 63 3.92 6.10 10.37
CA LEU C 63 2.81 6.22 9.45
C LEU C 63 2.85 5.14 8.38
N ARG C 64 4.05 4.81 7.90
CA ARG C 64 4.21 3.72 6.93
C ARG C 64 3.72 2.41 7.52
N GLU C 65 4.17 2.10 8.74
CA GLU C 65 3.73 0.88 9.40
C GLU C 65 2.22 0.85 9.55
N ILE C 66 1.64 1.97 10.02
CA ILE C 66 0.20 2.02 10.24
C ILE C 66 -0.56 1.78 8.93
N LYS C 67 -0.22 2.55 7.90
CA LYS C 67 -0.97 2.49 6.66
C LYS C 67 -0.84 1.13 5.99
N LEU C 68 0.34 0.52 6.03
CA LEU C 68 0.49 -0.78 5.39
C LEU C 68 -0.16 -1.90 6.20
N LEU C 69 0.03 -1.91 7.52
CA LEU C 69 -0.49 -3.00 8.32
C LEU C 69 -1.99 -2.93 8.52
N GLN C 70 -2.61 -1.76 8.33
CA GLN C 70 -4.07 -1.71 8.38
C GLN C 70 -4.70 -2.34 7.14
N GLU C 71 -3.96 -2.44 6.04
CA GLU C 71 -4.47 -2.97 4.78
C GLU C 71 -4.08 -4.43 4.55
N LEU C 72 -3.48 -5.09 5.54
CA LEU C 72 -3.00 -6.45 5.39
C LEU C 72 -3.51 -7.31 6.54
N SER C 73 -3.83 -8.56 6.23
CA SER C 73 -4.34 -9.48 7.25
C SER C 73 -3.94 -10.90 6.84
N HIS C 74 -2.90 -11.43 7.49
CA HIS C 74 -2.38 -12.75 7.18
C HIS C 74 -1.71 -13.29 8.45
N PRO C 75 -1.79 -14.59 8.71
CA PRO C 75 -1.17 -15.13 9.93
C PRO C 75 0.33 -14.99 9.99
N ASN C 76 1.00 -14.79 8.86
CA ASN C 76 2.45 -14.65 8.83
C ASN C 76 2.88 -13.20 8.59
N ILE C 77 2.02 -12.25 8.87
CA ILE C 77 2.34 -10.82 8.84
C ILE C 77 1.93 -10.23 10.18
N ILE C 78 2.79 -9.40 10.76
CA ILE C 78 2.48 -8.82 12.06
C ILE C 78 1.25 -7.93 11.93
N GLY C 79 0.36 -8.04 12.91
CA GLY C 79 -0.90 -7.31 12.89
C GLY C 79 -0.84 -6.08 13.77
N LEU C 80 -1.29 -4.96 13.21
CA LEU C 80 -1.40 -3.71 13.95
C LEU C 80 -2.73 -3.70 14.69
N LEU C 81 -2.69 -3.89 16.00
CA LEU C 81 -3.91 -3.97 16.79
C LEU C 81 -4.56 -2.59 16.97
N ASP C 82 -3.74 -1.57 17.21
CA ASP C 82 -4.23 -0.26 17.60
C ASP C 82 -3.06 0.72 17.57
N ALA C 83 -3.37 1.99 17.33
CA ALA C 83 -2.39 3.06 17.41
C ALA C 83 -2.95 4.20 18.25
N PHE C 84 -2.09 4.82 19.06
CA PHE C 84 -2.49 5.93 19.90
C PHE C 84 -1.27 6.78 20.20
N GLY C 85 -1.50 8.08 20.41
CA GLY C 85 -0.41 8.99 20.67
C GLY C 85 -0.91 10.32 21.18
N HIS C 86 0.01 11.28 21.23
CA HIS C 86 -0.29 12.64 21.67
C HIS C 86 0.56 13.61 20.87
N LYS C 87 -0.02 14.78 20.56
CA LYS C 87 0.67 15.82 19.81
C LYS C 87 1.25 15.28 18.51
N SER C 88 2.57 15.33 18.36
CA SER C 88 3.26 14.75 17.22
C SER C 88 3.88 13.39 17.54
N ASN C 89 3.68 12.89 18.75
CA ASN C 89 4.13 11.56 19.11
C ASN C 89 3.06 10.52 18.75
N ILE C 90 3.47 9.26 18.74
CA ILE C 90 2.57 8.16 18.38
C ILE C 90 3.12 6.88 18.96
N SER C 91 2.23 5.93 19.25
CA SER C 91 2.61 4.62 19.75
C SER C 91 1.81 3.56 18.99
N LEU C 92 2.50 2.52 18.53
CA LEU C 92 1.89 1.48 17.72
C LEU C 92 1.78 0.21 18.55
N VAL C 93 0.60 -0.40 18.55
CA VAL C 93 0.36 -1.63 19.30
C VAL C 93 0.36 -2.79 18.32
N PHE C 94 1.21 -3.78 18.57
CA PHE C 94 1.25 -5.02 17.83
C PHE C 94 1.06 -6.18 18.80
N ASP C 95 0.87 -7.37 18.24
CA ASP C 95 0.96 -8.57 19.06
C ASP C 95 2.37 -8.73 19.59
N PHE C 96 2.46 -9.19 20.84
CA PHE C 96 3.76 -9.45 21.44
C PHE C 96 4.33 -10.74 20.88
N MET C 97 5.56 -10.68 20.39
CA MET C 97 6.21 -11.83 19.77
C MET C 97 7.38 -12.26 20.64
N GLU C 98 7.50 -13.57 20.88
CA GLU C 98 8.46 -14.06 21.87
C GLU C 98 9.90 -13.82 21.45
N THR C 99 10.25 -14.21 20.23
CA THR C 99 11.64 -14.11 19.78
C THR C 99 11.66 -13.84 18.29
N ASP C 100 12.85 -13.89 17.69
CA ASP C 100 13.01 -13.73 16.26
C ASP C 100 14.02 -14.74 15.74
N LEU C 101 14.22 -14.76 14.43
CA LEU C 101 15.11 -15.73 13.82
C LEU C 101 16.57 -15.46 14.13
N GLU C 102 16.94 -14.21 14.41
CA GLU C 102 18.33 -13.92 14.75
C GLU C 102 18.74 -14.63 16.03
N VAL C 103 17.87 -14.61 17.05
CA VAL C 103 18.18 -15.29 18.30
C VAL C 103 18.24 -16.80 18.09
N ILE C 104 17.37 -17.33 17.22
CA ILE C 104 17.41 -18.76 16.92
C ILE C 104 18.73 -19.13 16.26
N ILE C 105 19.14 -18.35 15.27
CA ILE C 105 20.38 -18.62 14.55
C ILE C 105 21.58 -18.54 15.48
N LYS C 106 21.62 -17.50 16.32
CA LYS C 106 22.77 -17.26 17.18
C LYS C 106 22.79 -18.14 18.42
N ASP C 107 21.76 -18.95 18.65
CA ASP C 107 21.70 -19.83 19.81
C ASP C 107 22.39 -21.15 19.47
N ASN C 108 23.57 -21.37 20.04
CA ASN C 108 24.34 -22.58 19.79
C ASN C 108 23.77 -23.80 20.48
N SER C 109 22.81 -23.64 21.39
CA SER C 109 22.27 -24.75 22.16
C SER C 109 21.10 -25.43 21.46
N LEU C 110 20.69 -24.98 20.27
CA LEU C 110 19.62 -25.59 19.53
C LEU C 110 20.11 -25.98 18.14
N VAL C 111 19.64 -27.13 17.65
CA VAL C 111 20.00 -27.64 16.34
C VAL C 111 18.90 -27.27 15.35
N LEU C 112 19.28 -26.68 14.23
CA LEU C 112 18.34 -26.29 13.19
C LEU C 112 18.23 -27.43 12.19
N THR C 113 17.31 -28.35 12.46
CA THR C 113 17.12 -29.51 11.60
C THR C 113 16.53 -29.09 10.26
N PRO C 114 16.63 -29.94 9.24
CA PRO C 114 16.02 -29.60 7.94
C PRO C 114 14.54 -29.30 8.05
N SER C 115 13.80 -29.99 8.93
CA SER C 115 12.38 -29.70 9.10
C SER C 115 12.16 -28.31 9.70
N HIS C 116 12.96 -27.92 10.69
CA HIS C 116 12.84 -26.58 11.25
C HIS C 116 13.11 -25.52 10.20
N ILE C 117 14.18 -25.70 9.41
CA ILE C 117 14.50 -24.74 8.37
C ILE C 117 13.38 -24.67 7.34
N LYS C 118 12.84 -25.83 6.97
CA LYS C 118 11.73 -25.84 6.01
C LYS C 118 10.52 -25.11 6.57
N ALA C 119 10.20 -25.31 7.86
CA ALA C 119 9.06 -24.62 8.46
C ALA C 119 9.25 -23.12 8.47
N TYR C 120 10.41 -22.65 8.94
CA TYR C 120 10.68 -21.22 8.94
C TYR C 120 10.60 -20.66 7.52
N MET C 121 11.18 -21.37 6.56
CA MET C 121 11.20 -20.93 5.17
C MET C 121 9.78 -20.84 4.63
N LEU C 122 8.96 -21.82 4.98
CA LEU C 122 7.58 -21.89 4.49
C LEU C 122 6.75 -20.73 5.04
N MET C 123 6.83 -20.49 6.36
CA MET C 123 6.08 -19.37 6.92
C MET C 123 6.54 -18.04 6.33
N THR C 124 7.85 -17.86 6.19
CA THR C 124 8.37 -16.64 5.58
C THR C 124 7.84 -16.47 4.17
N LEU C 125 7.87 -17.54 3.38
CA LEU C 125 7.45 -17.44 1.99
C LEU C 125 5.95 -17.25 1.85
N GLN C 126 5.15 -17.82 2.76
CA GLN C 126 3.71 -17.61 2.72
C GLN C 126 3.36 -16.15 3.05
N GLY C 127 3.97 -15.62 4.11
CA GLY C 127 3.79 -14.21 4.41
C GLY C 127 4.24 -13.34 3.25
N LEU C 128 5.36 -13.68 2.63
CA LEU C 128 5.88 -12.90 1.50
C LEU C 128 4.97 -13.01 0.29
N GLU C 129 4.39 -14.19 0.04
CA GLU C 129 3.48 -14.35 -1.07
C GLU C 129 2.25 -13.47 -0.89
N TYR C 130 1.68 -13.48 0.32
CA TYR C 130 0.54 -12.60 0.59
C TYR C 130 0.95 -11.13 0.43
N LEU C 131 2.13 -10.77 0.95
CA LEU C 131 2.60 -9.39 0.84
C LEU C 131 2.77 -8.97 -0.61
N HIS C 132 3.36 -9.84 -1.43
CA HIS C 132 3.66 -9.49 -2.81
C HIS C 132 2.41 -9.43 -3.67
N GLN C 133 1.45 -10.35 -3.44
CA GLN C 133 0.23 -10.30 -4.22
C GLN C 133 -0.60 -9.07 -3.91
N HIS C 134 -0.41 -8.47 -2.73
CA HIS C 134 -0.94 -7.15 -2.43
C HIS C 134 0.06 -6.05 -2.75
N TRP C 135 1.08 -6.36 -3.56
CA TRP C 135 1.94 -5.37 -4.19
C TRP C 135 2.71 -4.53 -3.18
N ILE C 136 3.24 -5.18 -2.14
CA ILE C 136 4.05 -4.53 -1.12
C ILE C 136 5.34 -5.32 -0.94
N LEU C 137 6.48 -4.62 -0.96
CA LEU C 137 7.79 -5.20 -0.68
C LEU C 137 8.17 -4.90 0.76
N HIS C 138 8.68 -5.90 1.47
CA HIS C 138 9.13 -5.68 2.84
C HIS C 138 10.37 -4.79 2.88
N ARG C 139 11.38 -5.11 2.07
CA ARG C 139 12.60 -4.34 1.88
C ARG C 139 13.48 -4.28 3.12
N ASP C 140 13.14 -4.99 4.18
CA ASP C 140 13.99 -5.04 5.37
C ASP C 140 14.02 -6.46 5.93
N LEU C 141 14.04 -7.46 5.04
CA LEU C 141 14.01 -8.83 5.50
C LEU C 141 15.36 -9.21 6.09
N LYS C 142 15.33 -9.76 7.30
CA LYS C 142 16.51 -10.23 8.01
C LYS C 142 16.03 -11.08 9.19
N PRO C 143 16.90 -11.90 9.77
CA PRO C 143 16.45 -12.79 10.85
C PRO C 143 15.81 -12.05 12.02
N ASN C 144 16.27 -10.83 12.34
CA ASN C 144 15.68 -10.09 13.44
C ASN C 144 14.36 -9.42 13.07
N ASN C 145 13.98 -9.39 11.79
CA ASN C 145 12.68 -8.90 11.38
C ASN C 145 11.68 -10.03 11.15
N LEU C 146 12.06 -11.28 11.42
CA LEU C 146 11.17 -12.43 11.32
C LEU C 146 10.87 -12.88 12.74
N LEU C 147 9.72 -12.50 13.28
CA LEU C 147 9.42 -12.76 14.67
C LEU C 147 8.65 -14.06 14.83
N LEU C 148 8.83 -14.70 15.98
CA LEU C 148 8.16 -15.95 16.30
C LEU C 148 7.34 -15.76 17.57
N ASP C 149 6.09 -16.21 17.55
CA ASP C 149 5.23 -16.08 18.70
C ASP C 149 5.35 -17.33 19.58
N GLU C 150 4.57 -17.36 20.66
CA GLU C 150 4.60 -18.52 21.56
C GLU C 150 4.09 -19.79 20.90
N ASN C 151 3.38 -19.67 19.78
CA ASN C 151 2.86 -20.83 19.06
C ASN C 151 3.73 -21.23 17.88
N GLY C 152 4.91 -20.62 17.75
CA GLY C 152 5.79 -20.96 16.65
C GLY C 152 5.36 -20.41 15.31
N VAL C 153 4.49 -19.39 15.29
CA VAL C 153 4.01 -18.81 14.05
C VAL C 153 4.95 -17.65 13.69
N LEU C 154 5.59 -17.75 12.53
CA LEU C 154 6.49 -16.72 12.08
C LEU C 154 5.69 -15.59 11.42
N LYS C 155 6.07 -14.36 11.74
CA LYS C 155 5.43 -13.18 11.16
C LYS C 155 6.51 -12.21 10.70
N LEU C 156 6.34 -11.69 9.49
CA LEU C 156 7.15 -10.56 9.05
C LEU C 156 6.79 -9.34 9.89
N ALA C 157 7.82 -8.58 10.28
CA ALA C 157 7.62 -7.40 11.12
C ALA C 157 8.51 -6.28 10.62
N ASP C 158 8.43 -5.14 11.31
CA ASP C 158 9.23 -3.95 10.99
C ASP C 158 9.00 -3.49 9.56
N PHE C 159 7.76 -3.10 9.29
CA PHE C 159 7.38 -2.60 7.98
C PHE C 159 7.74 -1.13 7.76
N GLY C 160 8.64 -0.58 8.59
CA GLY C 160 9.03 0.81 8.46
C GLY C 160 9.76 1.12 7.16
N LEU C 161 10.30 0.10 6.49
CA LEU C 161 10.92 0.29 5.19
C LEU C 161 10.09 -0.30 4.06
N ALA C 162 8.97 -0.95 4.38
CA ALA C 162 8.14 -1.57 3.36
C ALA C 162 7.55 -0.51 2.43
N LYS C 163 7.35 -0.90 1.18
CA LYS C 163 6.80 0.01 0.19
C LYS C 163 6.00 -0.80 -0.84
N SER C 164 5.08 -0.11 -1.50
CA SER C 164 4.27 -0.72 -2.55
C SER C 164 5.01 -0.67 -3.88
N PHE C 165 4.95 -1.77 -4.62
CA PHE C 165 5.64 -1.87 -5.90
C PHE C 165 4.64 -2.17 -7.01
N GLY C 166 5.13 -2.04 -8.25
CA GLY C 166 4.29 -2.21 -9.42
C GLY C 166 3.90 -0.92 -10.12
N SER C 167 4.35 0.23 -9.62
CA SER C 167 4.03 1.52 -10.23
C SER C 167 5.24 2.04 -10.99
N PRO C 168 5.19 2.12 -12.33
CA PRO C 168 6.33 2.65 -13.07
C PRO C 168 6.67 4.08 -12.72
N ASN C 169 5.66 4.89 -12.38
CA ASN C 169 5.90 6.28 -12.02
C ASN C 169 6.55 6.43 -10.65
N ARG C 170 6.50 5.39 -9.82
CA ARG C 170 6.94 5.51 -8.43
C ARG C 170 8.46 5.55 -8.35
N ALA C 171 8.97 6.49 -7.54
CA ALA C 171 10.40 6.58 -7.29
C ALA C 171 10.81 5.61 -6.20
N TYR C 172 12.08 5.20 -6.23
CA TYR C 172 12.57 4.20 -5.30
C TYR C 172 14.01 4.52 -4.94
N THR C 173 14.46 3.96 -3.82
CA THR C 173 15.81 4.16 -3.31
C THR C 173 16.54 2.83 -3.25
N HIS C 174 17.77 2.81 -3.76
CA HIS C 174 18.56 1.58 -3.83
C HIS C 174 19.22 1.21 -2.52
N GLN C 175 19.27 2.12 -1.54
CA GLN C 175 19.90 1.84 -0.26
C GLN C 175 18.91 1.28 0.75
N VAL C 176 18.24 0.19 0.37
CA VAL C 176 17.32 -0.51 1.25
C VAL C 176 17.92 -1.87 1.58
N VAL C 177 17.31 -2.54 2.56
CA VAL C 177 17.75 -3.85 3.06
C VAL C 177 19.10 -3.72 3.76
N THR C 178 19.26 -4.43 4.88
CA THR C 178 20.55 -4.48 5.56
C THR C 178 21.59 -5.08 4.61
N ARG C 179 22.82 -4.56 4.71
CA ARG C 179 23.86 -4.88 3.73
C ARG C 179 24.09 -6.38 3.61
N TRP C 180 24.10 -7.09 4.74
CA TRP C 180 24.39 -8.53 4.72
C TRP C 180 23.35 -9.29 3.90
N TYR C 181 22.14 -8.75 3.78
CA TYR C 181 21.05 -9.40 3.07
C TYR C 181 20.60 -8.64 1.84
N ARG C 182 21.40 -7.66 1.40
CA ARG C 182 21.04 -6.85 0.25
C ARG C 182 21.37 -7.59 -1.05
N ALA C 183 20.50 -7.40 -2.05
CA ALA C 183 20.62 -8.05 -3.35
C ALA C 183 21.63 -7.33 -4.23
N PRO C 184 22.24 -8.04 -5.19
CA PRO C 184 23.21 -7.38 -6.09
C PRO C 184 22.61 -6.25 -6.89
N GLU C 185 21.35 -6.34 -7.30
CA GLU C 185 20.73 -5.23 -8.01
C GLU C 185 20.63 -3.99 -7.12
N LEU C 186 20.34 -4.17 -5.84
CA LEU C 186 20.37 -3.05 -4.91
C LEU C 186 21.79 -2.54 -4.70
N LEU C 187 22.74 -3.45 -4.52
CA LEU C 187 24.13 -3.04 -4.35
C LEU C 187 24.71 -2.41 -5.62
N PHE C 188 24.08 -2.65 -6.77
CA PHE C 188 24.46 -2.00 -8.01
C PHE C 188 23.62 -0.76 -8.32
N GLY C 189 22.78 -0.34 -7.37
CA GLY C 189 22.06 0.91 -7.51
C GLY C 189 20.76 0.84 -8.29
N ALA C 190 20.14 -0.32 -8.39
CA ALA C 190 18.85 -0.43 -9.07
C ALA C 190 17.81 0.42 -8.36
N ARG C 191 17.23 1.39 -9.09
CA ARG C 191 16.13 2.16 -8.54
C ARG C 191 14.85 1.32 -8.53
N MET C 192 14.39 0.92 -9.71
CA MET C 192 13.19 0.10 -9.80
C MET C 192 13.52 -1.36 -9.56
N TYR C 193 12.72 -2.03 -8.75
CA TYR C 193 12.92 -3.45 -8.49
C TYR C 193 11.58 -4.06 -8.07
N GLY C 194 11.53 -5.40 -8.13
CA GLY C 194 10.35 -6.12 -7.74
C GLY C 194 10.59 -6.99 -6.53
N VAL C 195 9.89 -8.13 -6.47
CA VAL C 195 10.02 -9.03 -5.33
C VAL C 195 11.40 -9.65 -5.21
N GLY C 196 12.28 -9.42 -6.18
CA GLY C 196 13.60 -10.01 -6.14
C GLY C 196 14.43 -9.60 -4.94
N VAL C 197 14.23 -8.37 -4.45
CA VAL C 197 14.97 -7.92 -3.28
C VAL C 197 14.60 -8.76 -2.05
N ASP C 198 13.29 -8.98 -1.86
CA ASP C 198 12.84 -9.82 -0.76
C ASP C 198 13.30 -11.25 -0.94
N MET C 199 13.28 -11.75 -2.18
CA MET C 199 13.70 -13.13 -2.43
C MET C 199 15.19 -13.32 -2.16
N TRP C 200 16.02 -12.34 -2.54
CA TRP C 200 17.44 -12.45 -2.23
C TRP C 200 17.68 -12.38 -0.74
N ALA C 201 16.98 -11.49 -0.04
CA ALA C 201 17.09 -11.47 1.42
C ALA C 201 16.65 -12.80 2.01
N VAL C 202 15.64 -13.43 1.41
CA VAL C 202 15.17 -14.73 1.86
C VAL C 202 16.22 -15.79 1.63
N GLY C 203 16.93 -15.73 0.50
CA GLY C 203 18.02 -16.65 0.26
C GLY C 203 19.15 -16.47 1.27
N CYS C 204 19.48 -15.22 1.58
CA CYS C 204 20.50 -14.96 2.59
C CYS C 204 20.08 -15.48 3.95
N ILE C 205 18.80 -15.32 4.30
CA ILE C 205 18.29 -15.82 5.56
C ILE C 205 18.37 -17.35 5.60
N LEU C 206 18.03 -17.99 4.49
CA LEU C 206 18.14 -19.44 4.41
C LEU C 206 19.59 -19.91 4.57
N ALA C 207 20.51 -19.19 3.93
CA ALA C 207 21.93 -19.53 4.06
C ALA C 207 22.39 -19.36 5.50
N GLU C 208 21.94 -18.30 6.17
CA GLU C 208 22.28 -18.11 7.58
C GLU C 208 21.68 -19.22 8.44
N LEU C 209 20.46 -19.67 8.12
CA LEU C 209 19.87 -20.78 8.85
C LEU C 209 20.71 -22.04 8.67
N LEU C 210 21.21 -22.27 7.46
CA LEU C 210 21.99 -23.48 7.20
C LEU C 210 23.36 -23.41 7.87
N LEU C 211 24.03 -22.27 7.79
CA LEU C 211 25.39 -22.12 8.29
C LEU C 211 25.47 -21.62 9.73
N ARG C 212 24.36 -21.18 10.31
CA ARG C 212 24.30 -20.64 11.67
C ARG C 212 25.10 -19.36 11.80
N VAL C 213 25.64 -18.85 10.69
CA VAL C 213 26.40 -17.60 10.66
C VAL C 213 26.00 -16.82 9.42
N PRO C 214 26.22 -15.51 9.42
CA PRO C 214 25.87 -14.70 8.25
C PRO C 214 26.56 -15.21 6.99
N PHE C 215 25.84 -15.18 5.88
CA PHE C 215 26.34 -15.75 4.63
C PHE C 215 27.39 -14.86 4.01
N LEU C 216 27.05 -13.59 3.79
CA LEU C 216 27.93 -12.63 3.10
C LEU C 216 28.09 -11.40 3.98
N PRO C 217 28.90 -11.51 5.03
CA PRO C 217 29.04 -10.38 5.99
C PRO C 217 30.06 -9.34 5.53
N GLY C 218 29.66 -8.55 4.53
CA GLY C 218 30.53 -7.49 4.07
C GLY C 218 30.53 -6.29 5.01
N ASP C 219 31.67 -5.60 5.04
CA ASP C 219 31.83 -4.39 5.82
C ASP C 219 31.54 -3.12 5.02
N SER C 220 31.25 -3.26 3.73
CA SER C 220 30.93 -2.13 2.87
C SER C 220 30.19 -2.66 1.66
N ASP C 221 29.62 -1.74 0.87
CA ASP C 221 28.90 -2.16 -0.32
C ASP C 221 29.82 -2.85 -1.31
N LEU C 222 31.01 -2.31 -1.52
CA LEU C 222 31.99 -2.96 -2.38
C LEU C 222 32.41 -4.30 -1.80
N ASP C 223 32.63 -4.37 -0.49
CA ASP C 223 33.00 -5.64 0.13
C ASP C 223 31.85 -6.64 0.04
N GLN C 224 30.61 -6.17 0.18
CA GLN C 224 29.45 -7.05 0.03
C GLN C 224 29.38 -7.64 -1.36
N LEU C 225 29.54 -6.80 -2.39
CA LEU C 225 29.53 -7.30 -3.76
C LEU C 225 30.69 -8.25 -4.01
N THR C 226 31.86 -7.94 -3.48
CA THR C 226 33.02 -8.81 -3.68
C THR C 226 32.80 -10.17 -3.04
N ARG C 227 32.25 -10.20 -1.82
CA ARG C 227 31.98 -11.48 -1.16
C ARG C 227 30.90 -12.26 -1.90
N ILE C 228 29.89 -11.56 -2.43
CA ILE C 228 28.87 -12.23 -3.22
C ILE C 228 29.49 -12.90 -4.44
N PHE C 229 30.35 -12.17 -5.15
CA PHE C 229 30.93 -12.73 -6.36
C PHE C 229 31.97 -13.80 -6.05
N GLU C 230 32.60 -13.74 -4.88
CA GLU C 230 33.53 -14.79 -4.49
C GLU C 230 32.79 -16.09 -4.16
N THR C 231 31.70 -15.98 -3.40
CA THR C 231 30.99 -17.19 -2.99
C THR C 231 30.15 -17.77 -4.12
N LEU C 232 29.58 -16.92 -4.98
CA LEU C 232 28.61 -17.35 -5.98
C LEU C 232 29.12 -17.22 -7.41
N GLY C 233 30.20 -16.50 -7.66
CA GLY C 233 30.68 -16.30 -9.01
C GLY C 233 30.30 -14.94 -9.56
N THR C 234 31.16 -14.41 -10.42
CA THR C 234 30.89 -13.14 -11.05
C THR C 234 29.88 -13.32 -12.17
N PRO C 235 28.73 -12.66 -12.13
CA PRO C 235 27.72 -12.88 -13.17
C PRO C 235 28.18 -12.36 -14.52
N THR C 236 27.72 -13.01 -15.57
CA THR C 236 28.04 -12.65 -16.94
C THR C 236 26.84 -11.99 -17.60
N GLU C 237 27.01 -11.60 -18.86
CA GLU C 237 25.91 -11.09 -19.66
C GLU C 237 24.85 -12.16 -19.91
N GLU C 238 25.17 -13.43 -19.68
CA GLU C 238 24.23 -14.52 -19.88
C GLU C 238 23.37 -14.79 -18.65
N GLN C 239 23.96 -14.78 -17.46
CA GLN C 239 23.20 -14.98 -16.23
C GLN C 239 22.45 -13.73 -15.78
N TRP C 240 22.76 -12.58 -16.36
CA TRP C 240 22.17 -11.29 -15.98
C TRP C 240 22.32 -10.33 -17.15
N PRO C 241 21.35 -10.31 -18.08
CA PRO C 241 21.58 -9.66 -19.37
C PRO C 241 21.96 -8.19 -19.30
N ASP C 242 21.13 -7.35 -18.68
CA ASP C 242 21.35 -5.91 -18.65
C ASP C 242 21.98 -5.45 -17.34
N MET C 243 22.78 -6.31 -16.71
CA MET C 243 23.41 -5.98 -15.43
C MET C 243 24.30 -4.75 -15.56
N CYS C 244 24.99 -4.61 -16.69
CA CYS C 244 25.88 -3.48 -16.91
C CYS C 244 25.13 -2.15 -17.02
N SER C 245 23.81 -2.17 -17.18
CA SER C 245 23.03 -0.94 -17.30
C SER C 245 22.72 -0.30 -15.95
N LEU C 246 22.90 -1.01 -14.85
CA LEU C 246 22.66 -0.44 -13.53
C LEU C 246 23.69 0.65 -13.25
N PRO C 247 23.30 1.71 -12.51
CA PRO C 247 24.17 2.88 -12.40
C PRO C 247 25.44 2.65 -11.61
N ASP C 248 25.33 2.01 -10.45
CA ASP C 248 26.48 1.75 -9.58
C ASP C 248 27.21 0.47 -9.95
N TYR C 249 27.00 -0.05 -11.15
CA TYR C 249 27.65 -1.31 -11.52
C TYR C 249 29.15 -1.11 -11.69
N VAL C 250 29.93 -1.95 -11.02
CA VAL C 250 31.38 -1.98 -11.18
C VAL C 250 31.79 -3.40 -11.47
N THR C 251 32.61 -3.58 -12.51
CA THR C 251 33.03 -4.91 -12.92
C THR C 251 34.08 -5.44 -11.94
N PHE C 252 33.86 -6.66 -11.47
CA PHE C 252 34.82 -7.35 -10.62
C PHE C 252 35.58 -8.37 -11.46
N LYS C 253 36.52 -9.06 -10.81
CA LYS C 253 37.25 -10.11 -11.48
C LYS C 253 36.35 -11.33 -11.69
N SER C 254 36.75 -12.19 -12.63
CA SER C 254 35.96 -13.37 -12.97
C SER C 254 36.16 -14.42 -11.90
N PHE C 255 35.53 -14.20 -10.75
CA PHE C 255 35.58 -15.19 -9.68
C PHE C 255 34.83 -16.44 -10.11
N PRO C 256 35.46 -17.63 -10.04
CA PRO C 256 34.73 -18.85 -10.44
C PRO C 256 33.49 -19.11 -9.59
N GLY C 257 33.54 -18.79 -8.30
CA GLY C 257 32.44 -19.07 -7.42
C GLY C 257 32.46 -20.48 -6.89
N ILE C 258 32.26 -20.64 -5.59
CA ILE C 258 32.26 -21.97 -4.98
C ILE C 258 30.98 -22.70 -5.36
N PRO C 259 31.03 -23.97 -5.75
CA PRO C 259 29.79 -24.71 -6.04
C PRO C 259 28.89 -24.73 -4.81
N LEU C 260 27.58 -24.65 -5.07
CA LEU C 260 26.62 -24.54 -3.98
C LEU C 260 26.64 -25.75 -3.07
N HIS C 261 26.94 -26.93 -3.61
CA HIS C 261 26.96 -28.13 -2.78
C HIS C 261 28.20 -28.20 -1.89
N HIS C 262 29.22 -27.37 -2.14
CA HIS C 262 30.35 -27.29 -1.23
C HIS C 262 30.14 -26.31 -0.09
N ILE C 263 29.42 -25.22 -0.34
CA ILE C 263 29.07 -24.28 0.73
C ILE C 263 28.15 -24.97 1.74
N PHE C 264 27.10 -25.60 1.25
CA PHE C 264 26.13 -26.30 2.10
C PHE C 264 26.30 -27.79 1.83
N SER C 265 27.18 -28.42 2.59
CA SER C 265 27.49 -29.83 2.39
C SER C 265 26.41 -30.76 2.93
N ALA C 266 25.49 -30.25 3.76
CA ALA C 266 24.40 -31.05 4.32
C ALA C 266 23.06 -30.67 3.70
N ALA C 267 23.06 -30.19 2.46
CA ALA C 267 21.86 -29.76 1.77
C ALA C 267 21.53 -30.76 0.67
N GLY C 268 20.26 -31.15 0.60
CA GLY C 268 19.81 -32.03 -0.46
C GLY C 268 19.68 -31.30 -1.79
N ASP C 269 19.48 -32.09 -2.84
CA ASP C 269 19.39 -31.53 -4.19
C ASP C 269 18.20 -30.58 -4.31
N ASP C 270 17.08 -30.91 -3.66
CA ASP C 270 15.94 -30.00 -3.67
C ASP C 270 16.26 -28.69 -2.98
N LEU C 271 16.93 -28.76 -1.82
CA LEU C 271 17.32 -27.56 -1.12
C LEU C 271 18.33 -26.75 -1.93
N LEU C 272 19.25 -27.44 -2.62
CA LEU C 272 20.19 -26.74 -3.49
C LEU C 272 19.47 -26.05 -4.64
N ASP C 273 18.44 -26.70 -5.19
CA ASP C 273 17.65 -26.06 -6.24
C ASP C 273 16.96 -24.80 -5.72
N LEU C 274 16.38 -24.90 -4.52
CA LEU C 274 15.74 -23.73 -3.91
C LEU C 274 16.75 -22.60 -3.70
N ILE C 275 17.94 -22.95 -3.18
CA ILE C 275 18.96 -21.93 -2.93
C ILE C 275 19.39 -21.28 -4.25
N GLN C 276 19.62 -22.10 -5.28
CA GLN C 276 20.03 -21.58 -6.58
C GLN C 276 18.98 -20.65 -7.15
N GLY C 277 17.70 -21.01 -7.02
CA GLY C 277 16.65 -20.13 -7.48
C GLY C 277 16.60 -18.82 -6.70
N LEU C 278 16.80 -18.91 -5.38
CA LEU C 278 16.79 -17.70 -4.55
C LEU C 278 18.02 -16.83 -4.81
N PHE C 279 19.12 -17.43 -5.26
CA PHE C 279 20.38 -16.71 -5.42
C PHE C 279 20.75 -16.48 -6.88
N LEU C 280 19.78 -16.53 -7.79
CA LEU C 280 20.04 -16.16 -9.17
C LEU C 280 20.35 -14.67 -9.25
N PHE C 281 21.42 -14.33 -9.99
CA PHE C 281 21.79 -12.93 -10.14
C PHE C 281 20.77 -12.15 -10.95
N ASN C 282 20.02 -12.82 -11.82
CA ASN C 282 18.95 -12.15 -12.56
C ASN C 282 17.72 -12.07 -11.67
N PRO C 283 17.30 -10.87 -11.26
CA PRO C 283 16.13 -10.76 -10.38
C PRO C 283 14.85 -11.28 -11.02
N CYS C 284 14.67 -11.10 -12.33
CA CYS C 284 13.49 -11.64 -13.00
C CYS C 284 13.48 -13.17 -12.93
N ALA C 285 14.61 -13.79 -13.27
CA ALA C 285 14.71 -15.24 -13.20
C ALA C 285 14.71 -15.74 -11.76
N ARG C 286 15.09 -14.91 -10.80
CA ARG C 286 15.04 -15.30 -9.40
C ARG C 286 13.63 -15.72 -9.04
N ILE C 287 13.51 -16.84 -8.33
CA ILE C 287 12.20 -17.42 -8.07
C ILE C 287 11.37 -16.47 -7.21
N THR C 288 10.08 -16.40 -7.50
CA THR C 288 9.15 -15.64 -6.67
C THR C 288 8.74 -16.47 -5.46
N ALA C 289 7.99 -15.82 -4.56
CA ALA C 289 7.49 -16.54 -3.38
C ALA C 289 6.56 -17.68 -3.79
N THR C 290 5.69 -17.43 -4.77
CA THR C 290 4.78 -18.49 -5.24
C THR C 290 5.56 -19.64 -5.87
N GLN C 291 6.52 -19.32 -6.73
CA GLN C 291 7.33 -20.35 -7.36
C GLN C 291 8.16 -21.11 -6.34
N ALA C 292 8.73 -20.40 -5.36
CA ALA C 292 9.47 -21.05 -4.31
C ALA C 292 8.58 -21.99 -3.51
N LEU C 293 7.34 -21.56 -3.23
CA LEU C 293 6.40 -22.42 -2.53
C LEU C 293 6.06 -23.65 -3.36
N LYS C 294 5.96 -23.49 -4.68
CA LYS C 294 5.70 -24.62 -5.56
C LYS C 294 6.92 -25.52 -5.74
N MET C 295 8.10 -25.11 -5.26
CA MET C 295 9.30 -25.90 -5.42
C MET C 295 9.14 -27.27 -4.78
N LYS C 296 9.77 -28.28 -5.38
CA LYS C 296 9.66 -29.63 -4.88
C LYS C 296 10.23 -29.76 -3.47
N TYR C 297 11.18 -28.90 -3.11
CA TYR C 297 11.78 -28.95 -1.77
C TYR C 297 10.72 -28.86 -0.68
N PHE C 298 9.72 -28.00 -0.85
CA PHE C 298 8.71 -27.84 0.18
C PHE C 298 7.71 -28.99 0.19
N SER C 299 7.55 -29.70 -0.93
CA SER C 299 6.67 -30.86 -0.98
C SER C 299 7.39 -32.17 -0.68
N ASN C 300 8.72 -32.16 -0.62
CA ASN C 300 9.46 -33.38 -0.31
C ASN C 300 9.36 -33.73 1.16
N ARG C 301 9.68 -34.98 1.46
CA ARG C 301 9.84 -35.43 2.83
C ARG C 301 11.19 -34.94 3.37
N PRO C 302 11.27 -34.59 4.66
CA PRO C 302 10.18 -34.54 5.64
C PRO C 302 9.37 -33.26 5.52
N GLY C 303 8.17 -33.22 6.09
CA GLY C 303 7.37 -32.02 6.05
C GLY C 303 7.89 -30.97 7.00
N PRO C 304 7.40 -29.74 6.86
CA PRO C 304 7.80 -28.68 7.79
C PRO C 304 7.39 -29.00 9.21
N THR C 305 8.21 -28.57 10.16
CA THR C 305 7.92 -28.81 11.57
C THR C 305 6.66 -28.05 11.96
N PRO C 306 5.76 -28.69 12.71
CA PRO C 306 4.60 -27.95 13.25
C PRO C 306 5.06 -26.83 14.16
N GLY C 307 4.34 -25.72 14.12
CA GLY C 307 4.76 -24.53 14.85
C GLY C 307 4.94 -24.77 16.34
N CYS C 308 4.15 -25.67 16.92
CA CYS C 308 4.26 -25.95 18.35
C CYS C 308 5.59 -26.59 18.70
N GLN C 309 6.20 -27.31 17.76
CA GLN C 309 7.43 -28.07 18.03
C GLN C 309 8.69 -27.35 17.54
N LEU C 310 8.56 -26.13 17.03
CA LEU C 310 9.73 -25.39 16.60
C LEU C 310 10.61 -25.03 17.81
N PRO C 311 11.92 -24.97 17.64
CA PRO C 311 12.81 -24.69 18.78
C PRO C 311 12.68 -23.27 19.29
N ARG C 312 12.85 -23.11 20.60
CA ARG C 312 12.80 -21.82 21.25
C ARG C 312 14.07 -21.61 22.07
N PRO C 313 14.58 -20.37 22.13
CA PRO C 313 15.78 -20.05 22.90
C PRO C 313 15.50 -19.89 24.40
C10 X4F D . 10.45 -9.77 22.62
C13 X4F D . 13.89 -10.90 21.36
C15 X4F D . 12.44 -10.75 19.45
C17 X4F D . 10.65 -7.24 20.92
C20 X4F D . 13.28 -5.65 20.65
C21 X4F D . 13.96 -7.05 20.62
C24 X4F D . 14.46 -4.71 20.18
C01 X4F D . 6.86 -4.18 17.82
C02 X4F D . 7.15 -5.58 17.27
C03 X4F D . 6.01 -6.08 16.38
C04 X4F D . 7.44 -6.61 18.45
C05 X4F D . 6.55 -7.58 18.95
C08 X4F D . 9.49 -7.96 20.97
C11 X4F D . 11.61 -10.22 21.66
C12 X4F D . 12.85 -10.49 22.19
C14 X4F D . 13.69 -11.03 19.99
C16 X4F D . 11.39 -10.36 20.29
C18 X4F D . 10.81 -6.23 19.98
C23 X4F D . 15.62 -5.65 19.70
C27 X4F D . 8.63 -6.69 19.20
N06 X4F D . 7.19 -8.24 19.97
N07 X4F D . 8.48 -7.67 20.11
N09 X4F D . 9.30 -9.05 21.96
N19 X4F D . 12.04 -5.46 19.89
N22 X4F D . 15.06 -7.02 19.64
N26 X4F D . 9.81 -5.96 19.14
O25 X4F D . 14.03 -3.94 19.08
#